data_9QRJ
#
_entry.id   9QRJ
#
_cell.length_a   126.520
_cell.length_b   126.520
_cell.length_c   126.734
_cell.angle_alpha   90.00
_cell.angle_beta   90.00
_cell.angle_gamma   90.00
#
_symmetry.space_group_name_H-M   'P 43 21 2'
#
loop_
_entity.id
_entity.type
_entity.pdbx_description
1 polymer 'Casein kinase II subunit alpha'
2 non-polymer 'SULFATE ION'
3 non-polymer '5-[6-[(3-chloranyl-4-phenyl-phenyl)methylamino]hexylamino]benzo[c][2,6]naphthyridine-8-carboxylic acid'
4 water water
#
_entity_poly.entity_id   1
_entity_poly.type   'polypeptide(L)'
_entity_poly.pdbx_seq_one_letter_code
;MHHHHHHSSGVDLGTENLYFQSMSGPVPSRARVYTDVNTHRPREYWDYESHVVEWGNQDDYQLVRKLGRGKYSEVFEAIN
ITNNEKVVVKILKPVKKKKIKREIKILENLRGGPNIITLADIVKDPVSRTPALVFEHVNNTDFKQLYQTLTDYDIRFYMY
EILKALDYCHSMGIMHRDVKPHNVMIDHEHRKLRLIDWGLAEFYHPGQEYNVRVASRYFKGPELLVDYQMYDYSLDMWSL
GCMLASMIFRKEPFFHGHDNYDQLVRIAKVLGTEDLYDYIDKYNIELDPRFNDILGRHSRKRWERFVHSENQHLVSPEAL
DFLDKLLRYDHQSRLTAREAMEHPYFYTVVKDQARMGSS
;
_entity_poly.pdbx_strand_id   A,B
#
loop_
_chem_comp.id
_chem_comp.type
_chem_comp.name
_chem_comp.formula
A1I9O non-polymer '5-[6-[(3-chloranyl-4-phenyl-phenyl)methylamino]hexylamino]benzo[c][2,6]naphthyridine-8-carboxylic acid' 'C32 H31 Cl N4 O2'
SO4 non-polymer 'SULFATE ION' 'O4 S -2'
#
# COMPACT_ATOMS: atom_id res chain seq x y z
N SER A 24 12.16 -9.68 33.90
CA SER A 24 11.44 -10.85 34.44
C SER A 24 11.48 -12.04 33.46
N GLY A 25 11.79 -11.76 32.19
CA GLY A 25 11.96 -12.78 31.18
C GLY A 25 11.26 -12.44 29.89
N PRO A 26 11.63 -13.10 28.79
CA PRO A 26 10.88 -12.94 27.53
C PRO A 26 9.48 -13.55 27.64
N VAL A 27 8.53 -12.92 26.97
CA VAL A 27 7.18 -13.50 26.85
C VAL A 27 7.23 -14.66 25.86
N PRO A 28 6.58 -15.79 26.14
CA PRO A 28 6.68 -16.93 25.22
C PRO A 28 5.84 -16.69 23.97
N SER A 29 5.99 -17.61 23.01
CA SER A 29 5.29 -17.50 21.74
C SER A 29 4.99 -18.90 21.21
N ARG A 30 3.87 -19.01 20.49
CA ARG A 30 3.43 -20.22 19.81
C ARG A 30 3.16 -19.87 18.35
N ALA A 31 3.55 -20.77 17.44
CA ALA A 31 3.23 -20.59 16.03
C ALA A 31 1.73 -20.63 15.84
N ARG A 32 1.19 -19.73 15.01
CA ARG A 32 -0.26 -19.74 14.92
C ARG A 32 -0.79 -20.68 13.84
N VAL A 33 0.08 -21.42 13.14
CA VAL A 33 -0.35 -22.57 12.34
C VAL A 33 0.62 -23.70 12.56
N TYR A 34 0.12 -24.93 12.34
CA TYR A 34 0.91 -26.15 12.41
C TYR A 34 1.62 -26.28 13.75
N THR A 35 1.00 -25.75 14.81
CA THR A 35 1.69 -25.62 16.09
C THR A 35 2.12 -26.97 16.63
N ASP A 36 1.19 -27.93 16.64
CA ASP A 36 1.39 -29.20 17.32
C ASP A 36 1.60 -30.35 16.35
N VAL A 37 1.80 -30.05 15.06
CA VAL A 37 1.93 -31.08 14.03
C VAL A 37 2.93 -32.16 14.45
N ASN A 38 4.03 -31.74 15.10
CA ASN A 38 5.07 -32.68 15.48
C ASN A 38 4.73 -33.48 16.74
N THR A 39 4.05 -32.85 17.70
CA THR A 39 3.68 -33.59 18.90
C THR A 39 2.85 -34.82 18.55
N HIS A 40 1.95 -34.66 17.59
CA HIS A 40 1.04 -35.71 17.15
C HIS A 40 1.69 -36.76 16.28
N ARG A 41 2.97 -36.63 15.97
CA ARG A 41 3.62 -37.65 15.18
C ARG A 41 4.34 -38.65 16.09
N PRO A 42 4.70 -39.84 15.57
CA PRO A 42 5.56 -40.76 16.34
C PRO A 42 6.91 -40.12 16.62
N ARG A 43 7.47 -40.44 17.78
CA ARG A 43 8.77 -39.89 18.17
C ARG A 43 9.76 -39.92 17.02
N GLU A 44 9.80 -41.04 16.28
CA GLU A 44 10.78 -41.23 15.22
C GLU A 44 10.69 -40.18 14.12
N TYR A 45 9.57 -39.45 14.01
CA TYR A 45 9.46 -38.49 12.93
C TYR A 45 10.42 -37.32 13.11
N TRP A 46 10.58 -36.83 14.34
CA TRP A 46 11.31 -35.59 14.64
C TRP A 46 12.50 -35.78 15.57
N ASP A 47 12.58 -36.92 16.28
CA ASP A 47 13.74 -37.23 17.13
C ASP A 47 14.84 -37.73 16.21
N TYR A 48 15.54 -36.77 15.61
CA TYR A 48 16.54 -37.12 14.61
C TYR A 48 17.84 -37.58 15.23
N GLU A 49 18.13 -37.17 16.47
CA GLU A 49 19.41 -37.51 17.07
C GLU A 49 19.60 -39.02 17.11
N SER A 50 18.50 -39.78 17.17
CA SER A 50 18.52 -41.23 17.28
C SER A 50 18.23 -41.93 15.95
N HIS A 51 18.33 -41.22 14.83
CA HIS A 51 18.17 -41.82 13.51
C HIS A 51 19.43 -42.58 13.10
N VAL A 52 19.27 -43.76 12.56
CA VAL A 52 20.38 -44.56 12.06
C VAL A 52 20.43 -44.42 10.55
N VAL A 53 21.63 -44.19 10.00
CA VAL A 53 21.77 -43.87 8.57
C VAL A 53 22.51 -45.00 7.85
N GLU A 54 22.08 -45.24 6.62
CA GLU A 54 22.60 -46.31 5.77
C GLU A 54 23.52 -45.69 4.73
N TRP A 55 24.83 -45.76 4.98
CA TRP A 55 25.84 -45.18 4.10
C TRP A 55 26.09 -46.07 2.88
N GLY A 56 25.67 -45.61 1.71
CA GLY A 56 26.02 -46.28 0.48
C GLY A 56 27.48 -46.02 0.08
N ASN A 57 27.84 -46.57 -1.08
CA ASN A 57 29.22 -46.52 -1.54
C ASN A 57 29.39 -45.37 -2.54
N GLN A 58 30.21 -44.39 -2.18
CA GLN A 58 30.45 -43.24 -3.05
C GLN A 58 30.97 -43.65 -4.43
N ASP A 59 31.50 -44.87 -4.58
CA ASP A 59 32.03 -45.33 -5.86
C ASP A 59 30.96 -45.60 -6.92
N ASP A 60 29.68 -45.60 -6.57
CA ASP A 60 28.66 -45.65 -7.63
C ASP A 60 28.60 -44.34 -8.42
N TYR A 61 29.13 -43.25 -7.86
CA TYR A 61 29.07 -41.93 -8.46
C TYR A 61 30.47 -41.42 -8.72
N GLN A 62 30.71 -40.94 -9.93
CA GLN A 62 31.94 -40.27 -10.28
C GLN A 62 31.66 -38.79 -10.40
N LEU A 63 32.53 -37.96 -9.87
CA LEU A 63 32.32 -36.53 -9.93
C LEU A 63 32.73 -35.99 -11.30
N VAL A 64 31.88 -35.14 -11.88
CA VAL A 64 32.18 -34.49 -13.16
C VAL A 64 32.79 -33.12 -12.92
N ARG A 65 32.07 -32.24 -12.23
CA ARG A 65 32.66 -30.92 -12.05
C ARG A 65 32.07 -30.24 -10.81
N LYS A 66 32.83 -29.28 -10.29
CA LYS A 66 32.38 -28.50 -9.13
C LYS A 66 31.33 -27.51 -9.58
N LEU A 67 30.14 -27.58 -8.98
CA LEU A 67 29.05 -26.67 -9.30
C LEU A 67 28.93 -25.52 -8.32
N GLY A 68 29.64 -25.55 -7.20
CA GLY A 68 29.67 -24.45 -6.25
C GLY A 68 30.00 -24.88 -4.83
N ARG A 69 30.64 -24.02 -4.05
CA ARG A 69 30.93 -24.35 -2.66
C ARG A 69 30.17 -23.43 -1.70
N GLY A 70 30.60 -23.45 -0.45
CA GLY A 70 29.89 -22.80 0.61
C GLY A 70 30.46 -23.21 1.97
N LYS A 71 29.76 -22.80 3.03
CA LYS A 71 30.32 -22.91 4.38
C LYS A 71 30.28 -24.35 4.88
N TYR A 72 29.25 -25.10 4.51
CA TYR A 72 29.08 -26.42 5.06
C TYR A 72 29.25 -27.52 4.03
N SER A 73 29.48 -27.19 2.76
CA SER A 73 29.45 -28.21 1.73
C SER A 73 30.00 -27.67 0.42
N GLU A 74 30.32 -28.61 -0.46
CA GLU A 74 30.64 -28.32 -1.85
C GLU A 74 29.81 -29.26 -2.69
N VAL A 75 29.31 -28.75 -3.81
CA VAL A 75 28.35 -29.44 -4.64
C VAL A 75 29.01 -29.78 -5.97
N PHE A 76 28.82 -31.02 -6.45
CA PHE A 76 29.38 -31.47 -7.72
C PHE A 76 28.27 -32.04 -8.58
N GLU A 77 28.36 -31.76 -9.88
CA GLU A 77 27.65 -32.61 -10.83
C GLU A 77 28.38 -33.94 -10.92
N ALA A 78 27.63 -35.05 -10.85
CA ALA A 78 28.17 -36.41 -10.87
C ALA A 78 27.31 -37.30 -11.75
N ILE A 79 27.85 -38.48 -12.11
CA ILE A 79 27.10 -39.47 -12.87
C ILE A 79 27.05 -40.76 -12.05
N ASN A 80 25.85 -41.34 -11.97
CA ASN A 80 25.62 -42.64 -11.36
C ASN A 80 25.96 -43.70 -12.42
N ILE A 81 27.05 -44.44 -12.19
CA ILE A 81 27.63 -45.30 -13.22
C ILE A 81 26.81 -46.55 -13.49
N THR A 82 25.74 -46.76 -12.71
CA THR A 82 24.93 -47.96 -12.88
C THR A 82 23.75 -47.74 -13.81
N ASN A 83 23.24 -46.50 -13.87
CA ASN A 83 22.13 -46.16 -14.75
C ASN A 83 22.46 -44.97 -15.66
N ASN A 84 23.71 -44.50 -15.63
CA ASN A 84 24.17 -43.43 -16.52
C ASN A 84 23.44 -42.11 -16.32
N GLU A 85 22.95 -41.84 -15.11
CA GLU A 85 22.08 -40.69 -14.86
C GLU A 85 22.86 -39.54 -14.23
N LYS A 86 22.61 -38.32 -14.72
CA LYS A 86 23.12 -37.10 -14.10
C LYS A 86 22.52 -36.92 -12.71
N VAL A 87 23.28 -36.25 -11.83
CA VAL A 87 23.01 -36.30 -10.41
C VAL A 87 23.90 -35.25 -9.73
N VAL A 88 23.57 -34.89 -8.51
CA VAL A 88 24.41 -33.95 -7.76
C VAL A 88 24.87 -34.61 -6.46
N VAL A 89 26.17 -34.48 -6.16
CA VAL A 89 26.74 -34.99 -4.92
C VAL A 89 27.14 -33.82 -4.05
N LYS A 90 26.60 -33.75 -2.85
CA LYS A 90 26.92 -32.68 -1.90
C LYS A 90 27.81 -33.26 -0.82
N ILE A 91 29.13 -33.08 -0.98
CA ILE A 91 30.08 -33.47 0.05
C ILE A 91 29.99 -32.50 1.21
N LEU A 92 29.86 -33.04 2.43
CA LEU A 92 29.68 -32.25 3.63
C LEU A 92 31.03 -31.93 4.25
N LYS A 93 31.32 -30.64 4.40
CA LYS A 93 32.40 -30.21 5.29
C LYS A 93 32.04 -30.63 6.71
N PRO A 94 33.01 -30.76 7.59
CA PRO A 94 32.71 -31.20 8.96
C PRO A 94 31.69 -30.29 9.64
N VAL A 95 30.52 -30.87 9.97
CA VAL A 95 29.59 -30.32 10.93
C VAL A 95 29.34 -31.37 12.01
N LYS A 96 28.73 -30.96 13.12
CA LYS A 96 28.41 -31.91 14.17
C LYS A 96 27.53 -33.02 13.60
N LYS A 97 27.74 -34.25 14.12
CA LYS A 97 27.02 -35.42 13.60
C LYS A 97 25.52 -35.29 13.67
N LYS A 98 24.99 -34.65 14.72
CA LYS A 98 23.57 -34.36 14.83
C LYS A 98 23.04 -33.60 13.60
N LYS A 99 23.81 -32.62 13.09
CA LYS A 99 23.30 -31.82 11.99
C LYS A 99 23.16 -32.63 10.71
N ILE A 100 24.02 -33.62 10.51
CA ILE A 100 23.92 -34.45 9.32
C ILE A 100 22.67 -35.31 9.39
N LYS A 101 22.48 -36.02 10.51
CA LYS A 101 21.22 -36.72 10.73
C LYS A 101 20.02 -35.79 10.60
N ARG A 102 20.12 -34.56 11.11
CA ARG A 102 18.99 -33.64 11.02
C ARG A 102 18.61 -33.38 9.56
N GLU A 103 19.58 -32.95 8.74
CA GLU A 103 19.30 -32.71 7.32
C GLU A 103 18.75 -33.96 6.64
N ILE A 104 19.30 -35.13 6.97
CA ILE A 104 18.86 -36.37 6.31
C ILE A 104 17.43 -36.70 6.71
N LYS A 105 17.14 -36.73 8.02
CA LYS A 105 15.79 -36.96 8.47
C LYS A 105 14.81 -36.03 7.79
N ILE A 106 15.19 -34.75 7.64
CA ILE A 106 14.22 -33.77 7.16
C ILE A 106 13.97 -33.95 5.66
N LEU A 107 15.01 -34.27 4.89
CA LEU A 107 14.78 -34.52 3.48
C LEU A 107 13.96 -35.78 3.28
N GLU A 108 14.03 -36.73 4.21
CA GLU A 108 13.27 -37.94 4.00
C GLU A 108 11.80 -37.72 4.35
N ASN A 109 11.54 -36.93 5.39
CA ASN A 109 10.16 -36.56 5.70
C ASN A 109 9.56 -35.71 4.59
N LEU A 110 10.35 -34.77 4.05
CA LEU A 110 9.84 -33.91 3.00
C LEU A 110 9.89 -34.54 1.61
N ARG A 111 10.46 -35.72 1.45
CA ARG A 111 10.63 -36.25 0.11
C ARG A 111 9.29 -36.33 -0.58
N GLY A 112 9.30 -36.10 -1.89
CA GLY A 112 8.10 -36.11 -2.68
C GLY A 112 7.27 -34.84 -2.66
N GLY A 113 7.48 -33.96 -1.68
CA GLY A 113 6.61 -32.82 -1.50
C GLY A 113 6.82 -31.82 -2.60
N PRO A 114 5.85 -30.93 -2.82
CA PRO A 114 5.93 -29.99 -3.94
C PRO A 114 7.16 -29.09 -3.86
N ASN A 115 7.96 -29.14 -4.93
CA ASN A 115 9.08 -28.22 -5.14
C ASN A 115 10.16 -28.37 -4.08
N ILE A 116 10.17 -29.49 -3.36
CA ILE A 116 11.27 -29.84 -2.47
C ILE A 116 12.27 -30.69 -3.25
N ILE A 117 13.55 -30.34 -3.15
CA ILE A 117 14.58 -31.16 -3.78
C ILE A 117 14.52 -32.58 -3.23
N THR A 118 14.82 -33.56 -4.08
CA THR A 118 14.76 -34.98 -3.73
C THR A 118 16.13 -35.49 -3.33
N LEU A 119 16.21 -36.08 -2.15
CA LEU A 119 17.41 -36.81 -1.78
C LEU A 119 17.37 -38.16 -2.45
N ALA A 120 18.44 -38.49 -3.15
CA ALA A 120 18.49 -39.72 -3.93
C ALA A 120 19.33 -40.80 -3.29
N ASP A 121 20.23 -40.47 -2.37
CA ASP A 121 21.13 -41.46 -1.79
C ASP A 121 21.98 -40.77 -0.74
N ILE A 122 22.64 -41.57 0.10
CA ILE A 122 23.44 -41.10 1.21
C ILE A 122 24.68 -41.98 1.25
N VAL A 123 25.81 -41.44 0.80
CA VAL A 123 27.02 -42.24 0.67
C VAL A 123 28.15 -41.63 1.48
N LYS A 124 29.10 -42.47 1.84
CA LYS A 124 30.29 -42.08 2.57
C LYS A 124 31.47 -42.43 1.71
N ASP A 125 32.55 -41.71 1.87
CA ASP A 125 33.65 -42.09 1.00
C ASP A 125 34.41 -43.28 1.60
N PRO A 126 34.87 -44.21 0.76
CA PRO A 126 35.59 -45.39 1.29
C PRO A 126 36.81 -45.06 2.14
N VAL A 127 37.72 -44.22 1.63
CA VAL A 127 38.98 -43.94 2.35
C VAL A 127 38.82 -42.77 3.34
N SER A 128 38.37 -41.58 2.89
CA SER A 128 38.33 -40.40 3.77
C SER A 128 37.23 -40.49 4.82
N ARG A 129 36.26 -41.40 4.66
CA ARG A 129 35.10 -41.55 5.53
C ARG A 129 34.26 -40.27 5.62
N THR A 130 34.42 -39.34 4.64
CA THR A 130 33.60 -38.13 4.78
C THR A 130 32.28 -38.32 4.05
N PRO A 131 31.19 -37.84 4.65
CA PRO A 131 29.84 -38.15 4.15
C PRO A 131 29.40 -37.24 3.00
N ALA A 132 28.45 -37.73 2.22
CA ALA A 132 27.94 -36.93 1.11
C ALA A 132 26.50 -37.31 0.82
N LEU A 133 25.68 -36.31 0.55
CA LEU A 133 24.31 -36.55 0.13
C LEU A 133 24.24 -36.47 -1.38
N VAL A 134 23.43 -37.33 -2.00
CA VAL A 134 23.29 -37.34 -3.45
C VAL A 134 21.87 -36.90 -3.78
N PHE A 135 21.74 -35.83 -4.60
CA PHE A 135 20.46 -35.22 -4.93
C PHE A 135 20.14 -35.36 -6.41
N GLU A 136 18.86 -35.13 -6.74
CA GLU A 136 18.43 -35.07 -8.14
C GLU A 136 19.12 -33.92 -8.85
N HIS A 137 19.41 -34.10 -10.13
CA HIS A 137 19.97 -33.00 -10.89
C HIS A 137 18.86 -32.07 -11.38
N VAL A 138 19.15 -30.77 -11.40
CA VAL A 138 18.23 -29.75 -11.87
C VAL A 138 18.99 -28.86 -12.84
N ASN A 139 18.54 -28.82 -14.09
CA ASN A 139 19.18 -27.95 -15.06
C ASN A 139 18.97 -26.52 -14.61
N ASN A 140 19.92 -25.96 -13.86
CA ASN A 140 19.74 -24.62 -13.31
C ASN A 140 19.80 -23.60 -14.43
N THR A 141 18.80 -22.74 -14.50
CA THR A 141 18.78 -21.68 -15.50
C THR A 141 19.65 -20.52 -15.05
N ASP A 142 20.54 -20.10 -15.94
CA ASP A 142 21.50 -19.02 -15.70
C ASP A 142 20.82 -17.77 -15.15
N PHE A 143 21.11 -17.41 -13.90
CA PHE A 143 20.45 -16.25 -13.28
C PHE A 143 21.02 -14.92 -13.75
N LYS A 144 22.18 -14.92 -14.41
CA LYS A 144 22.72 -13.69 -14.99
C LYS A 144 21.80 -13.15 -16.08
N GLN A 145 21.46 -13.99 -17.05
CA GLN A 145 20.51 -13.61 -18.10
C GLN A 145 19.06 -13.73 -17.66
N LEU A 146 18.80 -14.38 -16.51
CA LEU A 146 17.45 -14.48 -15.98
C LEU A 146 16.97 -13.21 -15.30
N TYR A 147 17.89 -12.29 -14.93
CA TYR A 147 17.51 -11.07 -14.23
C TYR A 147 16.90 -10.02 -15.15
N GLN A 148 17.10 -10.13 -16.47
CA GLN A 148 16.53 -9.18 -17.42
C GLN A 148 15.34 -9.74 -18.19
N THR A 149 15.22 -11.06 -18.33
CA THR A 149 14.03 -11.68 -18.91
C THR A 149 13.00 -12.10 -17.85
N LEU A 150 12.93 -11.37 -16.73
CA LEU A 150 11.96 -11.65 -15.67
C LEU A 150 10.82 -10.66 -15.79
N THR A 151 9.64 -11.16 -16.14
CA THR A 151 8.42 -10.37 -16.24
C THR A 151 7.69 -10.40 -14.92
N ASP A 152 6.75 -9.45 -14.74
CA ASP A 152 5.99 -9.38 -13.50
C ASP A 152 5.24 -10.69 -13.24
N TYR A 153 4.76 -11.34 -14.29
CA TYR A 153 4.11 -12.64 -14.14
C TYR A 153 5.08 -13.69 -13.61
N ASP A 154 6.29 -13.77 -14.19
CA ASP A 154 7.25 -14.77 -13.77
C ASP A 154 7.55 -14.67 -12.29
N ILE A 155 7.64 -13.46 -11.75
CA ILE A 155 7.87 -13.30 -10.32
C ILE A 155 6.68 -13.82 -9.52
N ARG A 156 5.46 -13.44 -9.90
CA ARG A 156 4.28 -14.03 -9.27
C ARG A 156 4.28 -15.55 -9.41
N PHE A 157 4.52 -16.06 -10.62
CA PHE A 157 4.50 -17.50 -10.83
C PHE A 157 5.49 -18.22 -9.92
N TYR A 158 6.76 -17.81 -9.94
CA TYR A 158 7.78 -18.51 -9.17
C TYR A 158 7.70 -18.20 -7.67
N MET A 159 7.21 -17.02 -7.28
CA MET A 159 6.94 -16.79 -5.86
C MET A 159 5.91 -17.78 -5.35
N TYR A 160 4.86 -18.02 -6.12
CA TYR A 160 3.84 -18.99 -5.73
C TYR A 160 4.44 -20.38 -5.57
N GLU A 161 5.34 -20.77 -6.47
CA GLU A 161 6.00 -22.06 -6.34
C GLU A 161 6.79 -22.16 -5.03
N ILE A 162 7.42 -21.07 -4.58
CA ILE A 162 8.15 -21.13 -3.33
C ILE A 162 7.19 -21.36 -2.16
N LEU A 163 6.04 -20.69 -2.17
CA LEU A 163 5.05 -20.87 -1.11
C LEU A 163 4.52 -22.30 -1.08
N LYS A 164 4.37 -22.92 -2.26
CA LYS A 164 3.98 -24.32 -2.30
C LYS A 164 4.95 -25.15 -1.46
N ALA A 165 6.22 -24.78 -1.46
CA ALA A 165 7.19 -25.60 -0.75
C ALA A 165 7.27 -25.18 0.71
N LEU A 166 7.12 -23.87 0.95
CA LEU A 166 7.13 -23.37 2.31
C LEU A 166 5.89 -23.83 3.06
N ASP A 167 4.71 -23.70 2.42
CA ASP A 167 3.51 -24.20 3.10
C ASP A 167 3.62 -25.68 3.36
N TYR A 168 4.22 -26.44 2.44
CA TYR A 168 4.33 -27.88 2.65
C TYR A 168 5.19 -28.20 3.86
N CYS A 169 6.41 -27.65 3.93
CA CYS A 169 7.27 -28.05 5.03
C CYS A 169 6.78 -27.45 6.35
N HIS A 170 6.24 -26.23 6.32
CA HIS A 170 5.55 -25.73 7.51
C HIS A 170 4.44 -26.69 7.97
N SER A 171 3.66 -27.21 7.03
CA SER A 171 2.60 -28.13 7.39
C SER A 171 3.16 -29.46 7.87
N MET A 172 4.38 -29.79 7.48
CA MET A 172 5.06 -31.00 7.92
C MET A 172 5.88 -30.76 9.17
N GLY A 173 5.76 -29.60 9.79
CA GLY A 173 6.42 -29.33 11.06
C GLY A 173 7.85 -28.87 10.96
N ILE A 174 8.27 -28.39 9.80
CA ILE A 174 9.66 -28.09 9.53
C ILE A 174 9.77 -26.65 9.07
N MET A 175 10.65 -25.89 9.73
CA MET A 175 11.05 -24.55 9.31
C MET A 175 12.39 -24.62 8.57
N HIS A 176 12.50 -23.89 7.44
CA HIS A 176 13.67 -24.03 6.58
C HIS A 176 14.84 -23.24 7.10
N ARG A 177 14.60 -21.99 7.52
CA ARG A 177 15.54 -21.10 8.20
C ARG A 177 16.64 -20.56 7.28
N ASP A 178 16.63 -20.87 6.00
CA ASP A 178 17.72 -20.41 5.14
C ASP A 178 17.19 -20.12 3.74
N VAL A 179 16.02 -19.49 3.67
CA VAL A 179 15.43 -19.09 2.39
C VAL A 179 16.16 -17.86 1.87
N LYS A 180 16.66 -17.95 0.64
CA LYS A 180 17.49 -16.93 0.04
C LYS A 180 17.74 -17.30 -1.43
N PRO A 181 18.17 -16.34 -2.27
CA PRO A 181 18.32 -16.65 -3.71
C PRO A 181 19.18 -17.87 -4.02
N HIS A 182 20.34 -18.02 -3.37
CA HIS A 182 21.21 -19.17 -3.63
C HIS A 182 20.58 -20.49 -3.22
N ASN A 183 19.46 -20.49 -2.48
CA ASN A 183 18.81 -21.72 -2.10
C ASN A 183 17.51 -21.99 -2.86
N VAL A 184 17.22 -21.21 -3.90
CA VAL A 184 16.09 -21.46 -4.78
C VAL A 184 16.63 -21.70 -6.19
N MET A 185 16.36 -22.87 -6.74
CA MET A 185 16.76 -23.17 -8.10
C MET A 185 15.57 -23.12 -9.04
N ILE A 186 15.81 -22.63 -10.26
CA ILE A 186 14.81 -22.52 -11.29
C ILE A 186 15.36 -23.09 -12.60
N ASP A 187 14.59 -23.98 -13.22
CA ASP A 187 14.76 -24.47 -14.58
C ASP A 187 13.65 -23.83 -15.42
N HIS A 188 13.91 -22.59 -15.86
CA HIS A 188 12.88 -21.79 -16.52
C HIS A 188 12.38 -22.43 -17.81
N GLU A 189 13.24 -23.16 -18.53
CA GLU A 189 12.78 -23.89 -19.71
C GLU A 189 11.52 -24.68 -19.44
N HIS A 190 11.42 -25.34 -18.28
CA HIS A 190 10.24 -26.13 -17.94
C HIS A 190 9.53 -25.61 -16.71
N ARG A 191 9.73 -24.33 -16.37
CA ARG A 191 9.01 -23.66 -15.28
C ARG A 191 9.04 -24.46 -13.99
N LYS A 192 10.19 -25.08 -13.71
CA LYS A 192 10.35 -25.97 -12.58
C LYS A 192 11.18 -25.29 -11.51
N LEU A 193 10.72 -25.35 -10.27
CA LEU A 193 11.41 -24.72 -9.14
C LEU A 193 11.70 -25.76 -8.05
N ARG A 194 12.82 -25.60 -7.37
CA ARG A 194 13.21 -26.53 -6.31
C ARG A 194 13.80 -25.72 -5.17
N LEU A 195 13.36 -26.03 -3.95
CA LEU A 195 13.90 -25.41 -2.74
C LEU A 195 14.96 -26.35 -2.17
N ILE A 196 16.19 -25.83 -2.01
CA ILE A 196 17.32 -26.69 -1.67
C ILE A 196 17.97 -26.31 -0.34
N ASP A 197 19.15 -26.88 -0.09
CA ASP A 197 19.91 -26.81 1.16
C ASP A 197 19.07 -26.75 2.43
N TRP A 198 18.75 -27.93 2.97
CA TRP A 198 17.98 -28.09 4.19
C TRP A 198 18.88 -28.38 5.40
N GLY A 199 20.13 -27.96 5.35
CA GLY A 199 21.04 -28.18 6.46
C GLY A 199 20.90 -27.19 7.61
N LEU A 200 20.12 -26.13 7.45
CA LEU A 200 19.77 -25.28 8.57
C LEU A 200 18.36 -25.51 9.07
N ALA A 201 17.54 -26.32 8.39
CA ALA A 201 16.16 -26.56 8.79
C ALA A 201 16.08 -27.32 10.11
N GLU A 202 15.04 -27.02 10.88
CA GLU A 202 14.75 -27.69 12.15
C GLU A 202 13.27 -28.06 12.18
N PHE A 203 12.94 -28.94 13.13
CA PHE A 203 11.54 -29.25 13.46
C PHE A 203 10.99 -28.21 14.42
N TYR A 204 9.73 -27.85 14.24
CA TYR A 204 9.12 -26.89 15.13
C TYR A 204 8.50 -27.61 16.31
N HIS A 205 8.72 -27.09 17.51
CA HIS A 205 8.22 -27.66 18.75
C HIS A 205 7.79 -26.54 19.70
N PRO A 206 6.50 -26.41 19.99
CA PRO A 206 6.04 -25.27 20.80
C PRO A 206 6.88 -25.08 22.04
N GLY A 207 7.30 -23.84 22.28
CA GLY A 207 8.11 -23.50 23.43
C GLY A 207 9.60 -23.77 23.29
N GLN A 208 10.06 -24.40 22.22
CA GLN A 208 11.48 -24.67 22.08
C GLN A 208 12.21 -23.39 21.73
N GLU A 209 13.39 -23.21 22.29
CA GLU A 209 14.21 -22.05 21.98
C GLU A 209 15.31 -22.48 21.01
N TYR A 210 15.48 -21.70 19.96
CA TYR A 210 16.35 -22.03 18.85
C TYR A 210 17.55 -21.09 18.81
N ASN A 211 18.52 -21.47 17.97
CA ASN A 211 19.73 -20.70 17.73
C ASN A 211 19.38 -19.54 16.80
N VAL A 212 19.69 -18.32 17.24
CA VAL A 212 19.41 -17.14 16.43
C VAL A 212 20.51 -16.83 15.42
N ARG A 213 21.63 -17.54 15.50
CA ARG A 213 22.73 -17.33 14.55
C ARG A 213 22.56 -18.26 13.35
N VAL A 214 21.46 -18.03 12.63
CA VAL A 214 21.16 -18.78 11.41
C VAL A 214 20.83 -17.81 10.29
N ALA A 215 20.87 -18.34 9.06
CA ALA A 215 20.48 -17.66 7.82
C ALA A 215 21.52 -16.65 7.36
N SER A 216 21.38 -16.18 6.11
CA SER A 216 22.23 -15.13 5.59
C SER A 216 21.91 -13.80 6.26
N ARG A 217 22.93 -12.97 6.40
CA ARG A 217 22.78 -11.73 7.14
C ARG A 217 21.67 -10.84 6.58
N TYR A 218 21.53 -10.79 5.26
CA TYR A 218 20.50 -9.93 4.69
C TYR A 218 19.11 -10.50 4.83
N PHE A 219 18.97 -11.76 5.20
CA PHE A 219 17.65 -12.36 5.30
C PHE A 219 17.21 -12.66 6.72
N LYS A 220 18.07 -12.44 7.70
CA LYS A 220 17.72 -12.59 9.10
C LYS A 220 16.50 -11.76 9.47
N GLY A 221 15.57 -12.40 10.20
CA GLY A 221 14.37 -11.75 10.66
C GLY A 221 14.65 -10.98 11.91
N PRO A 222 13.87 -9.92 12.15
CA PRO A 222 14.08 -9.10 13.35
C PRO A 222 14.15 -9.92 14.62
N GLU A 223 13.35 -10.99 14.71
CA GLU A 223 13.43 -11.89 15.85
C GLU A 223 14.81 -12.53 15.97
N LEU A 224 15.53 -12.64 14.86
CA LEU A 224 16.91 -13.08 14.99
C LEU A 224 17.83 -11.96 15.50
N LEU A 225 17.69 -10.74 14.97
CA LEU A 225 18.60 -9.65 15.27
C LEU A 225 18.46 -9.11 16.70
N VAL A 226 17.28 -9.24 17.30
CA VAL A 226 17.06 -8.86 18.69
C VAL A 226 17.22 -10.05 19.63
N ASP A 227 17.59 -11.22 19.11
CA ASP A 227 17.84 -12.42 19.93
C ASP A 227 16.57 -12.85 20.64
N TYR A 228 15.56 -13.22 19.86
CA TYR A 228 14.34 -13.81 20.38
C TYR A 228 14.33 -15.26 19.94
N GLN A 229 14.51 -16.17 20.90
CA GLN A 229 14.78 -17.55 20.51
C GLN A 229 13.53 -18.37 20.21
N MET A 230 12.34 -17.86 20.49
CA MET A 230 11.16 -18.73 20.37
C MET A 230 10.41 -18.47 19.08
N TYR A 231 11.11 -18.54 17.96
CA TYR A 231 10.49 -18.21 16.70
C TYR A 231 9.89 -19.47 16.06
N ASP A 232 9.43 -19.35 14.82
CA ASP A 232 8.65 -20.39 14.19
C ASP A 232 8.64 -20.13 12.69
N TYR A 233 7.76 -20.84 11.99
CA TYR A 233 7.75 -20.83 10.53
C TYR A 233 7.77 -19.41 9.97
N SER A 234 7.20 -18.45 10.72
CA SER A 234 7.09 -17.10 10.19
C SER A 234 8.46 -16.49 9.89
N LEU A 235 9.51 -16.97 10.56
CA LEU A 235 10.87 -16.63 10.16
C LEU A 235 11.05 -16.74 8.66
N ASP A 236 10.55 -17.82 8.07
CA ASP A 236 10.73 -18.03 6.64
C ASP A 236 10.00 -16.97 5.82
N MET A 237 8.91 -16.43 6.33
CA MET A 237 8.16 -15.42 5.58
C MET A 237 8.92 -14.10 5.49
N TRP A 238 9.65 -13.73 6.55
CA TRP A 238 10.49 -12.56 6.44
C TRP A 238 11.50 -12.73 5.32
N SER A 239 12.18 -13.87 5.31
CA SER A 239 13.17 -14.10 4.27
C SER A 239 12.53 -13.97 2.92
N LEU A 240 11.36 -14.60 2.75
CA LEU A 240 10.65 -14.50 1.49
C LEU A 240 10.31 -13.05 1.16
N GLY A 241 9.97 -12.25 2.16
CA GLY A 241 9.75 -10.84 1.93
C GLY A 241 11.01 -10.11 1.48
N CYS A 242 12.18 -10.51 2.00
CA CYS A 242 13.41 -9.87 1.53
C CYS A 242 13.68 -10.22 0.07
N MET A 243 13.47 -11.47 -0.33
CA MET A 243 13.65 -11.82 -1.74
C MET A 243 12.68 -11.04 -2.62
N LEU A 244 11.37 -11.14 -2.32
CA LEU A 244 10.39 -10.48 -3.17
C LEU A 244 10.74 -9.00 -3.33
N ALA A 245 11.10 -8.34 -2.22
CA ALA A 245 11.43 -6.92 -2.30
C ALA A 245 12.61 -6.68 -3.23
N SER A 246 13.66 -7.51 -3.12
CA SER A 246 14.81 -7.31 -4.01
C SER A 246 14.44 -7.58 -5.46
N MET A 247 13.40 -8.39 -5.71
CA MET A 247 13.02 -8.70 -7.08
C MET A 247 12.26 -7.54 -7.72
N ILE A 248 11.17 -7.10 -7.08
CA ILE A 248 10.32 -6.12 -7.74
C ILE A 248 10.94 -4.73 -7.71
N PHE A 249 11.86 -4.45 -6.78
CA PHE A 249 12.58 -3.18 -6.76
C PHE A 249 13.93 -3.23 -7.45
N ARG A 250 14.40 -4.42 -7.85
CA ARG A 250 15.74 -4.62 -8.40
C ARG A 250 16.77 -3.91 -7.53
N LYS A 251 16.81 -4.33 -6.27
CA LYS A 251 17.75 -3.85 -5.25
C LYS A 251 18.21 -5.10 -4.49
N GLU A 252 19.34 -5.67 -4.92
CA GLU A 252 19.88 -6.86 -4.30
C GLU A 252 21.08 -6.48 -3.45
N PRO A 253 21.04 -6.67 -2.11
CA PRO A 253 19.88 -7.08 -1.32
C PRO A 253 19.08 -5.88 -0.86
N PHE A 254 17.84 -6.12 -0.43
CA PHE A 254 17.00 -4.99 -0.06
C PHE A 254 17.42 -4.33 1.25
N PHE A 255 17.83 -5.11 2.25
CA PHE A 255 18.34 -4.56 3.51
C PHE A 255 19.84 -4.83 3.57
N HIS A 256 20.64 -3.84 3.19
CA HIS A 256 22.08 -4.00 2.95
C HIS A 256 22.87 -3.54 4.17
N GLY A 257 22.76 -4.31 5.25
CA GLY A 257 23.48 -3.97 6.46
C GLY A 257 24.92 -4.46 6.44
N HIS A 258 25.75 -3.79 7.23
CA HIS A 258 27.18 -4.12 7.27
C HIS A 258 27.54 -5.12 8.35
N ASP A 259 26.62 -5.42 9.26
CA ASP A 259 26.81 -6.49 10.24
C ASP A 259 25.45 -6.77 10.87
N ASN A 260 25.42 -7.64 11.89
CA ASN A 260 24.14 -8.05 12.45
C ASN A 260 23.42 -6.89 13.14
N TYR A 261 24.16 -6.01 13.80
CA TYR A 261 23.50 -4.87 14.43
C TYR A 261 22.99 -3.90 13.39
N ASP A 262 23.83 -3.56 12.42
CA ASP A 262 23.41 -2.58 11.43
C ASP A 262 22.29 -3.12 10.56
N GLN A 263 22.21 -4.44 10.42
CA GLN A 263 21.09 -5.04 9.70
C GLN A 263 19.76 -4.69 10.35
N LEU A 264 19.71 -4.57 11.68
CA LEU A 264 18.46 -4.15 12.29
C LEU A 264 18.19 -2.68 12.03
N VAL A 265 19.24 -1.86 12.02
CA VAL A 265 19.07 -0.44 11.72
C VAL A 265 18.61 -0.25 10.28
N ARG A 266 19.20 -0.98 9.33
CA ARG A 266 18.74 -0.89 7.94
C ARG A 266 17.27 -1.27 7.81
N ILE A 267 16.79 -2.21 8.62
CA ILE A 267 15.37 -2.52 8.63
C ILE A 267 14.59 -1.40 9.30
N ALA A 268 15.14 -0.85 10.38
CA ALA A 268 14.44 0.20 11.09
C ALA A 268 14.30 1.45 10.23
N LYS A 269 15.25 1.69 9.33
CA LYS A 269 15.15 2.86 8.48
C LYS A 269 14.08 2.72 7.41
N VAL A 270 13.56 1.50 7.21
CA VAL A 270 12.46 1.26 6.29
C VAL A 270 11.14 1.04 7.04
N LEU A 271 11.14 0.16 8.06
CA LEU A 271 9.93 -0.10 8.84
C LEU A 271 9.69 0.89 9.98
N GLY A 272 10.62 1.79 10.26
CA GLY A 272 10.42 2.74 11.34
C GLY A 272 10.74 2.17 12.70
N THR A 273 11.12 3.01 13.65
CA THR A 273 11.47 2.47 14.97
C THR A 273 10.25 2.22 15.84
N GLU A 274 9.20 3.04 15.70
CA GLU A 274 8.04 2.93 16.59
C GLU A 274 7.51 1.49 16.66
N ASP A 275 7.33 0.83 15.51
CA ASP A 275 6.86 -0.55 15.51
C ASP A 275 7.89 -1.50 16.11
N LEU A 276 9.19 -1.22 15.95
CA LEU A 276 10.23 -2.10 16.49
C LEU A 276 10.19 -2.12 18.02
N TYR A 277 10.17 -0.94 18.65
CA TYR A 277 10.09 -0.87 20.11
C TYR A 277 8.75 -1.38 20.65
N ASP A 278 7.69 -1.34 19.84
CA ASP A 278 6.44 -1.98 20.22
C ASP A 278 6.62 -3.49 20.33
N TYR A 279 7.27 -4.07 19.31
CA TYR A 279 7.58 -5.49 19.30
C TYR A 279 8.39 -5.88 20.53
N ILE A 280 9.42 -5.07 20.83
CA ILE A 280 10.26 -5.32 22.01
C ILE A 280 9.43 -5.34 23.29
N ASP A 281 8.56 -4.34 23.46
CA ASP A 281 7.72 -4.30 24.66
C ASP A 281 6.74 -5.45 24.71
N LYS A 282 6.17 -5.82 23.55
CA LYS A 282 5.16 -6.87 23.57
C LYS A 282 5.73 -8.17 24.09
N TYR A 283 6.97 -8.51 23.68
CA TYR A 283 7.59 -9.77 24.08
C TYR A 283 8.61 -9.59 25.19
N ASN A 284 8.76 -8.37 25.72
CA ASN A 284 9.67 -8.09 26.84
C ASN A 284 11.09 -8.54 26.52
N ILE A 285 11.51 -8.30 25.27
CA ILE A 285 12.85 -8.68 24.85
C ILE A 285 13.83 -7.66 25.38
N GLU A 286 14.87 -8.13 26.04
CA GLU A 286 15.89 -7.20 26.51
C GLU A 286 16.85 -6.94 25.37
N LEU A 287 17.01 -5.67 25.03
CA LEU A 287 17.75 -5.29 23.85
C LEU A 287 19.22 -5.12 24.21
N ASP A 288 20.08 -5.81 23.45
CA ASP A 288 21.53 -5.68 23.57
C ASP A 288 21.91 -4.20 23.68
N PRO A 289 22.73 -3.82 24.68
CA PRO A 289 23.09 -2.41 24.80
C PRO A 289 23.88 -1.86 23.61
N ARG A 290 24.48 -2.73 22.77
CA ARG A 290 25.13 -2.24 21.55
C ARG A 290 24.16 -1.49 20.67
N PHE A 291 22.86 -1.81 20.75
CA PHE A 291 21.83 -1.14 19.97
C PHE A 291 21.45 0.23 20.51
N ASN A 292 21.82 0.55 21.75
CA ASN A 292 21.22 1.68 22.45
C ASN A 292 21.54 3.01 21.80
N ASP A 293 22.51 3.07 20.89
CA ASP A 293 22.90 4.35 20.31
C ASP A 293 23.05 4.27 18.79
N ILE A 294 22.44 3.29 18.14
CA ILE A 294 22.52 3.20 16.69
C ILE A 294 21.14 3.08 16.03
N LEU A 295 20.12 2.63 16.77
CA LEU A 295 18.76 2.57 16.22
C LEU A 295 18.22 3.98 16.00
N GLY A 296 18.17 4.78 17.06
CA GLY A 296 17.69 6.16 16.92
C GLY A 296 16.17 6.23 16.80
N ARG A 297 15.72 7.23 16.04
CA ARG A 297 14.30 7.49 15.74
C ARG A 297 14.13 7.60 14.24
N HIS A 298 13.35 6.68 13.66
CA HIS A 298 13.10 6.66 12.21
C HIS A 298 11.63 6.39 11.95
N SER A 299 11.09 7.13 10.99
CA SER A 299 9.70 6.96 10.59
C SER A 299 9.55 5.69 9.76
N ARG A 300 8.32 5.16 9.72
CA ARG A 300 7.98 4.04 8.85
C ARG A 300 7.83 4.56 7.41
N LYS A 301 8.79 4.24 6.54
CA LYS A 301 8.76 4.77 5.18
C LYS A 301 7.55 4.23 4.39
N ARG A 302 7.34 4.79 3.21
CA ARG A 302 6.33 4.36 2.29
C ARG A 302 7.01 3.62 1.15
N TRP A 303 6.42 2.49 0.74
CA TRP A 303 7.06 1.66 -0.27
C TRP A 303 7.34 2.42 -1.55
N GLU A 304 6.59 3.49 -1.82
CA GLU A 304 6.79 4.23 -3.07
C GLU A 304 8.21 4.79 -3.21
N ARG A 305 8.89 5.05 -2.08
CA ARG A 305 10.26 5.57 -2.11
C ARG A 305 11.16 4.75 -3.04
N PHE A 306 11.03 3.43 -3.01
CA PHE A 306 11.93 2.54 -3.70
C PHE A 306 11.55 2.29 -5.17
N VAL A 307 10.57 3.01 -5.70
CA VAL A 307 10.05 2.76 -7.05
C VAL A 307 10.66 3.76 -8.01
N HIS A 308 11.17 3.26 -9.14
CA HIS A 308 11.83 4.11 -10.11
C HIS A 308 11.68 3.48 -11.49
N SER A 309 12.00 4.28 -12.51
CA SER A 309 11.75 3.94 -13.92
C SER A 309 12.17 2.53 -14.29
N GLU A 310 13.31 2.06 -13.78
CA GLU A 310 13.80 0.78 -14.25
C GLU A 310 13.06 -0.40 -13.61
N ASN A 311 12.32 -0.19 -12.50
CA ASN A 311 11.66 -1.29 -11.81
C ASN A 311 10.13 -1.19 -11.75
N GLN A 312 9.53 -0.11 -12.25
CA GLN A 312 8.09 0.06 -12.11
C GLN A 312 7.32 -1.03 -12.83
N HIS A 313 7.89 -1.63 -13.88
CA HIS A 313 7.14 -2.62 -14.63
C HIS A 313 6.84 -3.87 -13.81
N LEU A 314 7.44 -4.03 -12.62
CA LEU A 314 7.15 -5.15 -11.71
C LEU A 314 6.42 -4.71 -10.46
N VAL A 315 6.54 -3.44 -10.07
CA VAL A 315 5.86 -2.93 -8.89
C VAL A 315 4.41 -2.64 -9.24
N SER A 316 3.52 -2.92 -8.31
CA SER A 316 2.11 -2.75 -8.56
C SER A 316 1.42 -2.63 -7.21
N PRO A 317 0.18 -2.13 -7.17
CA PRO A 317 -0.48 -1.97 -5.87
C PRO A 317 -0.61 -3.28 -5.10
N GLU A 318 -0.86 -4.40 -5.80
CA GLU A 318 -0.95 -5.68 -5.12
C GLU A 318 0.39 -6.11 -4.56
N ALA A 319 1.43 -6.14 -5.39
CA ALA A 319 2.76 -6.51 -4.92
C ALA A 319 3.17 -5.75 -3.67
N LEU A 320 2.90 -4.44 -3.64
CA LEU A 320 3.27 -3.65 -2.47
C LEU A 320 2.42 -4.02 -1.26
N ASP A 321 1.16 -4.38 -1.48
CA ASP A 321 0.35 -4.84 -0.36
C ASP A 321 0.87 -6.18 0.15
N PHE A 322 1.14 -7.11 -0.78
CA PHE A 322 1.64 -8.41 -0.39
C PHE A 322 2.97 -8.30 0.35
N LEU A 323 3.84 -7.39 -0.11
CA LEU A 323 5.14 -7.21 0.53
C LEU A 323 5.00 -6.67 1.95
N ASP A 324 4.10 -5.70 2.13
CA ASP A 324 3.92 -5.05 3.43
C ASP A 324 3.42 -6.02 4.47
N LYS A 325 2.58 -6.98 4.04
CA LYS A 325 2.01 -8.00 4.91
C LYS A 325 2.97 -9.15 5.17
N LEU A 326 4.14 -9.14 4.55
CA LEU A 326 5.23 -10.07 4.83
C LEU A 326 6.26 -9.48 5.77
N LEU A 327 6.74 -8.25 5.49
CA LEU A 327 7.86 -7.65 6.23
C LEU A 327 7.33 -6.92 7.45
N ARG A 328 6.98 -7.69 8.50
CA ARG A 328 6.57 -7.11 9.77
C ARG A 328 7.50 -7.57 10.89
N TYR A 329 7.74 -6.68 11.85
CA TYR A 329 8.56 -7.01 13.00
C TYR A 329 7.98 -8.19 13.78
N ASP A 330 6.72 -8.07 14.22
CA ASP A 330 6.03 -9.09 15.02
C ASP A 330 5.80 -10.34 14.16
N HIS A 331 6.46 -11.44 14.51
CA HIS A 331 6.36 -12.63 13.68
C HIS A 331 4.96 -13.22 13.66
N GLN A 332 4.14 -13.01 14.72
CA GLN A 332 2.76 -13.48 14.71
C GLN A 332 1.92 -12.83 13.64
N SER A 333 2.25 -11.61 13.24
CA SER A 333 1.40 -10.88 12.30
C SER A 333 1.81 -11.04 10.84
N ARG A 334 2.92 -11.70 10.52
CA ARG A 334 3.21 -11.93 9.11
C ARG A 334 2.21 -12.93 8.55
N LEU A 335 1.93 -12.82 7.26
CA LEU A 335 1.09 -13.83 6.64
C LEU A 335 1.71 -15.21 6.82
N THR A 336 0.86 -16.23 6.86
CA THR A 336 1.38 -17.57 6.70
C THR A 336 1.58 -17.88 5.22
N ALA A 337 2.23 -19.01 4.95
CA ALA A 337 2.39 -19.44 3.56
C ALA A 337 1.03 -19.65 2.92
N ARG A 338 0.09 -20.28 3.64
CA ARG A 338 -1.22 -20.51 3.05
C ARG A 338 -1.93 -19.19 2.81
N GLU A 339 -1.87 -18.28 3.78
CA GLU A 339 -2.49 -16.97 3.59
C GLU A 339 -1.88 -16.23 2.42
N ALA A 340 -0.58 -16.39 2.20
CA ALA A 340 0.06 -15.70 1.07
C ALA A 340 -0.49 -16.19 -0.26
N MET A 341 -0.65 -17.50 -0.42
CA MET A 341 -1.17 -18.03 -1.67
C MET A 341 -2.54 -17.47 -1.97
N GLU A 342 -3.34 -17.21 -0.95
CA GLU A 342 -4.67 -16.66 -1.15
C GLU A 342 -4.67 -15.14 -1.33
N HIS A 343 -3.50 -14.50 -1.43
CA HIS A 343 -3.45 -13.06 -1.63
C HIS A 343 -3.76 -12.71 -3.08
N PRO A 344 -4.34 -11.52 -3.33
CA PRO A 344 -4.67 -11.13 -4.72
C PRO A 344 -3.49 -11.06 -5.65
N TYR A 345 -2.28 -10.85 -5.11
CA TYR A 345 -1.09 -10.81 -5.96
C TYR A 345 -0.98 -12.03 -6.86
N PHE A 346 -1.42 -13.18 -6.38
CA PHE A 346 -1.33 -14.41 -7.16
C PHE A 346 -2.63 -14.79 -7.87
N TYR A 347 -3.70 -13.98 -7.76
CA TYR A 347 -4.97 -14.32 -8.41
C TYR A 347 -4.79 -14.76 -9.86
N THR A 348 -3.78 -14.22 -10.55
CA THR A 348 -3.56 -14.55 -11.96
C THR A 348 -2.92 -15.93 -12.13
N VAL A 349 -1.87 -16.23 -11.35
CA VAL A 349 -1.22 -17.53 -11.50
C VAL A 349 -2.10 -18.66 -10.99
N VAL A 350 -3.07 -18.38 -10.10
CA VAL A 350 -3.92 -19.42 -9.54
C VAL A 350 -4.97 -19.86 -10.56
N LYS A 351 -5.47 -18.91 -11.37
CA LYS A 351 -6.41 -19.27 -12.43
C LYS A 351 -5.70 -19.97 -13.60
N ASP A 352 -4.46 -19.58 -13.90
CA ASP A 352 -3.72 -20.24 -14.99
C ASP A 352 -3.36 -21.67 -14.64
N GLN A 353 -3.25 -21.98 -13.35
CA GLN A 353 -3.04 -23.38 -12.98
C GLN A 353 -4.28 -24.24 -13.18
N ALA A 354 -5.36 -23.68 -13.75
CA ALA A 354 -6.58 -24.44 -14.04
C ALA A 354 -6.68 -24.80 -15.52
N GLY B 25 9.49 33.65 8.59
CA GLY B 25 8.17 33.41 8.00
C GLY B 25 8.03 32.05 7.33
N PRO B 26 6.95 31.84 6.57
CA PRO B 26 6.74 30.57 5.89
C PRO B 26 7.40 30.52 4.52
N VAL B 27 7.76 29.31 4.12
CA VAL B 27 8.37 29.08 2.80
C VAL B 27 7.28 29.20 1.73
N PRO B 28 7.60 29.71 0.54
CA PRO B 28 6.59 29.79 -0.51
C PRO B 28 6.38 28.46 -1.21
N SER B 29 5.22 28.35 -1.85
CA SER B 29 4.87 27.15 -2.60
C SER B 29 4.20 27.54 -3.93
N ARG B 30 4.48 26.72 -4.95
CA ARG B 30 3.87 26.82 -6.28
C ARG B 30 3.18 25.50 -6.58
N ALA B 31 1.93 25.54 -7.07
CA ALA B 31 1.28 24.36 -7.64
C ALA B 31 2.17 23.71 -8.69
N ARG B 32 2.15 22.37 -8.79
CA ARG B 32 3.07 21.73 -9.73
C ARG B 32 2.42 21.37 -11.07
N VAL B 33 1.17 21.75 -11.28
CA VAL B 33 0.57 21.73 -12.61
C VAL B 33 -0.33 22.95 -12.70
N TYR B 34 -0.54 23.43 -13.93
CA TYR B 34 -1.41 24.57 -14.19
C TYR B 34 -0.99 25.81 -13.42
N THR B 35 0.27 25.88 -13.00
CA THR B 35 0.77 26.98 -12.18
C THR B 35 0.44 28.36 -12.80
N ASP B 36 0.69 28.52 -14.09
CA ASP B 36 0.68 29.85 -14.68
C ASP B 36 -0.47 30.04 -15.66
N VAL B 37 -1.35 29.05 -15.75
CA VAL B 37 -2.50 29.08 -16.65
C VAL B 37 -3.21 30.43 -16.61
N ASN B 38 -3.37 31.00 -15.41
CA ASN B 38 -4.12 32.25 -15.30
C ASN B 38 -3.33 33.45 -15.83
N THR B 39 -2.01 33.45 -15.65
CA THR B 39 -1.22 34.61 -16.11
C THR B 39 -1.29 34.76 -17.62
N HIS B 40 -1.41 33.66 -18.37
CA HIS B 40 -1.44 33.65 -19.83
C HIS B 40 -2.82 33.98 -20.40
N ARG B 41 -3.75 34.38 -19.57
CA ARG B 41 -5.08 34.77 -20.02
C ARG B 41 -5.25 36.27 -19.94
N PRO B 42 -6.16 36.83 -20.74
CA PRO B 42 -6.52 38.26 -20.57
C PRO B 42 -7.05 38.47 -19.17
N ARG B 43 -6.75 39.64 -18.58
CA ARG B 43 -7.16 39.83 -17.19
C ARG B 43 -8.67 39.69 -17.04
N GLU B 44 -9.43 40.01 -18.11
CA GLU B 44 -10.88 39.81 -18.12
C GLU B 44 -11.26 38.42 -17.64
N TYR B 45 -10.38 37.43 -17.86
CA TYR B 45 -10.70 36.05 -17.50
C TYR B 45 -10.85 35.89 -16.00
N TRP B 46 -9.95 36.50 -15.23
CA TRP B 46 -9.82 36.22 -13.82
C TRP B 46 -10.08 37.40 -12.91
N ASP B 47 -9.97 38.64 -13.39
CA ASP B 47 -10.31 39.84 -12.63
C ASP B 47 -11.84 40.00 -12.60
N TYR B 48 -12.46 39.13 -11.80
CA TYR B 48 -13.92 39.06 -11.69
C TYR B 48 -14.53 40.30 -11.03
N GLU B 49 -13.73 41.09 -10.31
CA GLU B 49 -14.26 42.26 -9.61
C GLU B 49 -14.77 43.32 -10.58
N SER B 50 -14.18 43.38 -11.77
CA SER B 50 -14.59 44.32 -12.81
C SER B 50 -15.54 43.68 -13.83
N HIS B 51 -16.20 42.59 -13.44
CA HIS B 51 -17.13 41.90 -14.32
C HIS B 51 -18.51 42.49 -14.11
N VAL B 52 -19.16 42.92 -15.19
CA VAL B 52 -20.49 43.54 -15.09
C VAL B 52 -21.53 42.47 -15.43
N VAL B 53 -22.44 42.23 -14.49
CA VAL B 53 -23.43 41.18 -14.65
C VAL B 53 -24.75 41.80 -15.05
N GLU B 54 -25.56 41.00 -15.75
CA GLU B 54 -26.80 41.44 -16.37
C GLU B 54 -27.93 40.71 -15.67
N TRP B 55 -28.55 41.37 -14.69
CA TRP B 55 -29.57 40.75 -13.84
C TRP B 55 -30.89 40.65 -14.58
N GLY B 56 -31.31 39.42 -14.87
CA GLY B 56 -32.65 39.18 -15.37
C GLY B 56 -33.71 39.26 -14.27
N ASN B 57 -34.90 38.81 -14.62
CA ASN B 57 -36.12 39.00 -13.83
C ASN B 57 -36.53 37.69 -13.15
N GLN B 58 -36.62 37.71 -11.82
CA GLN B 58 -36.86 36.50 -11.03
C GLN B 58 -38.22 35.89 -11.32
N ASP B 59 -39.20 36.70 -11.75
CA ASP B 59 -40.55 36.20 -12.01
C ASP B 59 -40.58 35.13 -13.09
N ASP B 60 -39.69 35.21 -14.07
CA ASP B 60 -39.51 34.15 -15.07
C ASP B 60 -39.52 32.75 -14.46
N TYR B 61 -39.28 32.64 -13.15
CA TYR B 61 -39.23 31.37 -12.44
C TYR B 61 -40.19 31.41 -11.27
N GLN B 62 -40.94 30.33 -11.10
CA GLN B 62 -41.82 30.14 -9.97
C GLN B 62 -41.26 29.02 -9.12
N LEU B 63 -41.13 29.27 -7.82
CA LEU B 63 -40.51 28.30 -6.94
C LEU B 63 -41.51 27.20 -6.60
N VAL B 64 -41.05 25.94 -6.68
CA VAL B 64 -41.88 24.79 -6.35
C VAL B 64 -41.67 24.35 -4.91
N ARG B 65 -40.42 24.20 -4.49
CA ARG B 65 -40.17 23.68 -3.15
C ARG B 65 -38.71 23.90 -2.77
N LYS B 66 -38.47 24.08 -1.47
CA LYS B 66 -37.10 24.17 -1.00
C LYS B 66 -36.41 22.81 -1.09
N LEU B 67 -35.16 22.81 -1.54
CA LEU B 67 -34.36 21.60 -1.65
C LEU B 67 -33.23 21.53 -0.63
N GLY B 68 -32.96 22.60 0.08
CA GLY B 68 -31.90 22.59 1.07
C GLY B 68 -31.38 23.99 1.32
N ARG B 69 -31.04 24.26 2.56
CA ARG B 69 -30.54 25.57 2.95
C ARG B 69 -29.11 25.41 3.45
N GLY B 70 -28.30 26.45 3.23
CA GLY B 70 -26.91 26.43 3.62
C GLY B 70 -26.48 27.70 4.32
N LYS B 71 -25.17 27.92 4.43
CA LYS B 71 -24.66 29.10 5.10
C LYS B 71 -24.78 30.34 4.23
N TYR B 72 -24.65 30.19 2.91
CA TYR B 72 -24.60 31.31 1.97
C TYR B 72 -25.77 31.35 1.00
N SER B 73 -26.63 30.33 0.98
CA SER B 73 -27.62 30.25 -0.07
C SER B 73 -28.75 29.32 0.34
N GLU B 74 -29.93 29.55 -0.23
CA GLU B 74 -31.08 28.66 -0.13
C GLU B 74 -31.44 28.18 -1.52
N VAL B 75 -31.79 26.91 -1.65
CA VAL B 75 -31.98 26.32 -2.97
C VAL B 75 -33.41 25.86 -3.13
N PHE B 76 -34.01 26.16 -4.27
CA PHE B 76 -35.36 25.77 -4.59
C PHE B 76 -35.40 25.12 -5.96
N GLU B 77 -36.18 24.03 -6.06
CA GLU B 77 -36.71 23.65 -7.36
C GLU B 77 -37.66 24.73 -7.85
N ALA B 78 -37.63 25.01 -9.16
CA ALA B 78 -38.50 26.02 -9.76
C ALA B 78 -38.77 25.63 -11.20
N ILE B 79 -39.81 26.21 -11.79
CA ILE B 79 -40.09 25.97 -13.20
C ILE B 79 -39.97 27.28 -13.96
N ASN B 80 -39.32 27.20 -15.12
CA ASN B 80 -39.27 28.32 -16.04
C ASN B 80 -40.64 28.47 -16.71
N ILE B 81 -41.39 29.53 -16.35
CA ILE B 81 -42.75 29.64 -16.87
C ILE B 81 -42.78 29.88 -18.38
N THR B 82 -41.64 30.20 -18.99
CA THR B 82 -41.60 30.46 -20.43
C THR B 82 -41.63 29.18 -21.25
N ASN B 83 -41.00 28.10 -20.77
CA ASN B 83 -40.92 26.86 -21.52
C ASN B 83 -41.26 25.63 -20.70
N ASN B 84 -41.66 25.80 -19.45
CA ASN B 84 -42.20 24.72 -18.63
C ASN B 84 -41.12 23.71 -18.21
N GLU B 85 -39.84 24.09 -18.17
CA GLU B 85 -38.79 23.15 -17.82
C GLU B 85 -38.32 23.34 -16.38
N LYS B 86 -37.91 22.22 -15.77
CA LYS B 86 -37.50 22.21 -14.38
C LYS B 86 -36.11 22.84 -14.25
N VAL B 87 -35.89 23.52 -13.12
CA VAL B 87 -34.73 24.36 -12.92
C VAL B 87 -34.50 24.44 -11.41
N VAL B 88 -33.38 25.01 -11.01
CA VAL B 88 -33.07 25.21 -9.60
C VAL B 88 -32.68 26.67 -9.42
N VAL B 89 -33.32 27.35 -8.47
CA VAL B 89 -32.99 28.73 -8.15
C VAL B 89 -32.28 28.72 -6.82
N LYS B 90 -31.10 29.33 -6.77
CA LYS B 90 -30.27 29.38 -5.57
C LYS B 90 -30.25 30.84 -5.12
N ILE B 91 -31.12 31.17 -4.17
CA ILE B 91 -31.13 32.52 -3.63
C ILE B 91 -29.93 32.72 -2.74
N LEU B 92 -29.18 33.79 -3.00
CA LEU B 92 -27.92 34.04 -2.33
C LEU B 92 -28.17 34.81 -1.05
N LYS B 93 -27.88 34.18 0.08
CA LYS B 93 -27.77 34.92 1.34
C LYS B 93 -26.70 36.00 1.19
N PRO B 94 -26.77 37.09 1.97
CA PRO B 94 -26.03 38.30 1.59
C PRO B 94 -24.54 38.11 1.83
N VAL B 95 -23.76 38.25 0.78
CA VAL B 95 -22.30 38.27 0.87
C VAL B 95 -21.80 39.54 0.15
N LYS B 96 -20.52 39.84 0.35
CA LYS B 96 -19.89 40.94 -0.35
C LYS B 96 -20.04 40.76 -1.86
N LYS B 97 -20.57 41.77 -2.54
CA LYS B 97 -20.81 41.72 -3.98
C LYS B 97 -19.68 41.08 -4.77
N LYS B 98 -18.43 41.36 -4.36
CA LYS B 98 -17.26 40.73 -4.96
C LYS B 98 -17.44 39.21 -5.08
N LYS B 99 -17.90 38.57 -3.99
CA LYS B 99 -17.93 37.10 -3.96
C LYS B 99 -19.06 36.52 -4.83
N ILE B 100 -20.08 37.32 -5.18
CA ILE B 100 -21.10 36.88 -6.13
C ILE B 100 -20.58 37.00 -7.56
N LYS B 101 -19.98 38.16 -7.89
CA LYS B 101 -19.25 38.29 -9.14
C LYS B 101 -18.26 37.16 -9.33
N ARG B 102 -17.53 36.80 -8.29
CA ARG B 102 -16.57 35.69 -8.39
C ARG B 102 -17.27 34.40 -8.81
N GLU B 103 -18.33 34.00 -8.08
CA GLU B 103 -18.97 32.72 -8.36
C GLU B 103 -19.60 32.73 -9.74
N ILE B 104 -20.16 33.86 -10.16
CA ILE B 104 -20.73 33.95 -11.50
C ILE B 104 -19.64 33.84 -12.53
N LYS B 105 -18.57 34.63 -12.38
CA LYS B 105 -17.50 34.58 -13.36
C LYS B 105 -16.98 33.16 -13.51
N ILE B 106 -16.70 32.48 -12.40
CA ILE B 106 -16.18 31.12 -12.45
C ILE B 106 -17.15 30.20 -13.17
N LEU B 107 -18.45 30.33 -12.88
CA LEU B 107 -19.43 29.48 -13.53
C LEU B 107 -19.50 29.75 -15.03
N GLU B 108 -19.37 31.01 -15.43
CA GLU B 108 -19.30 31.31 -16.86
C GLU B 108 -18.05 30.73 -17.49
N ASN B 109 -16.90 30.83 -16.81
CA ASN B 109 -15.65 30.31 -17.39
C ASN B 109 -15.66 28.78 -17.51
N LEU B 110 -16.40 28.09 -16.65
CA LEU B 110 -16.45 26.63 -16.63
C LEU B 110 -17.65 26.04 -17.38
N ARG B 111 -18.59 26.88 -17.82
CA ARG B 111 -19.76 26.40 -18.55
C ARG B 111 -19.37 25.48 -19.68
N GLY B 112 -20.03 24.34 -19.78
CA GLY B 112 -19.69 23.33 -20.76
C GLY B 112 -18.72 22.29 -20.28
N GLY B 113 -17.93 22.58 -19.24
CA GLY B 113 -16.97 21.64 -18.75
C GLY B 113 -17.58 20.32 -18.28
N PRO B 114 -16.80 19.24 -18.41
CA PRO B 114 -17.29 17.91 -18.05
C PRO B 114 -17.73 17.87 -16.59
N ASN B 115 -18.99 17.46 -16.38
CA ASN B 115 -19.54 17.24 -15.05
C ASN B 115 -19.57 18.51 -14.18
N ILE B 116 -19.40 19.69 -14.78
CA ILE B 116 -19.62 20.94 -14.05
C ILE B 116 -21.09 21.33 -14.18
N ILE B 117 -21.69 21.77 -13.07
CA ILE B 117 -23.05 22.26 -13.11
C ILE B 117 -23.13 23.47 -14.04
N THR B 118 -24.32 23.68 -14.59
CA THR B 118 -24.50 24.61 -15.69
C THR B 118 -25.34 25.79 -15.24
N LEU B 119 -24.77 27.00 -15.31
CA LEU B 119 -25.53 28.19 -14.95
C LEU B 119 -26.46 28.53 -16.11
N ALA B 120 -27.75 28.61 -15.82
CA ALA B 120 -28.75 28.90 -16.83
C ALA B 120 -29.13 30.36 -16.84
N ASP B 121 -29.02 31.07 -15.71
CA ASP B 121 -29.46 32.45 -15.68
C ASP B 121 -29.08 33.06 -14.33
N ILE B 122 -29.12 34.39 -14.30
CA ILE B 122 -28.77 35.19 -13.14
C ILE B 122 -29.83 36.27 -13.00
N VAL B 123 -30.54 36.25 -11.88
CA VAL B 123 -31.74 37.08 -11.71
C VAL B 123 -31.81 37.68 -10.31
N LYS B 124 -32.64 38.69 -10.20
CA LYS B 124 -32.79 39.46 -8.99
C LYS B 124 -34.28 39.57 -8.73
N ASP B 125 -34.70 39.40 -7.49
CA ASP B 125 -36.12 39.58 -7.19
C ASP B 125 -36.51 41.03 -7.47
N PRO B 126 -37.58 41.27 -8.23
CA PRO B 126 -37.93 42.66 -8.55
C PRO B 126 -38.11 43.56 -7.34
N VAL B 127 -38.76 43.06 -6.28
CA VAL B 127 -39.04 43.90 -5.12
C VAL B 127 -37.88 43.88 -4.13
N SER B 128 -37.49 42.69 -3.66
CA SER B 128 -36.44 42.60 -2.64
C SER B 128 -35.05 42.87 -3.22
N ARG B 129 -34.89 42.82 -4.55
CA ARG B 129 -33.62 43.08 -5.22
C ARG B 129 -32.49 42.14 -4.76
N THR B 130 -32.87 40.91 -4.22
CA THR B 130 -31.92 39.90 -3.70
C THR B 130 -31.39 39.04 -4.83
N PRO B 131 -30.07 38.90 -4.97
CA PRO B 131 -29.53 38.19 -6.14
C PRO B 131 -29.69 36.68 -6.04
N ALA B 132 -30.01 36.06 -7.17
CA ALA B 132 -30.19 34.61 -7.21
C ALA B 132 -29.54 34.06 -8.46
N LEU B 133 -29.21 32.79 -8.42
CA LEU B 133 -28.56 32.09 -9.52
C LEU B 133 -29.45 30.93 -9.96
N VAL B 134 -29.60 30.74 -11.26
CA VAL B 134 -30.51 29.72 -11.77
C VAL B 134 -29.68 28.64 -12.45
N PHE B 135 -29.82 27.39 -11.98
CA PHE B 135 -29.03 26.27 -12.45
C PHE B 135 -29.91 25.21 -13.11
N GLU B 136 -29.27 24.40 -13.95
CA GLU B 136 -29.92 23.23 -14.53
C GLU B 136 -30.37 22.26 -13.43
N HIS B 137 -31.51 21.61 -13.64
CA HIS B 137 -32.00 20.65 -12.66
C HIS B 137 -31.38 19.27 -12.89
N VAL B 138 -31.29 18.49 -11.81
CA VAL B 138 -30.70 17.15 -11.82
C VAL B 138 -31.58 16.25 -10.96
N ASN B 139 -32.09 15.16 -11.55
CA ASN B 139 -32.90 14.23 -10.75
C ASN B 139 -31.98 13.44 -9.84
N ASN B 140 -31.47 14.07 -8.79
CA ASN B 140 -30.37 13.48 -8.02
C ASN B 140 -30.86 12.34 -7.14
N THR B 141 -30.03 11.30 -7.04
CA THR B 141 -30.45 10.02 -6.50
C THR B 141 -30.37 10.03 -4.98
N ASP B 142 -31.49 9.63 -4.36
CA ASP B 142 -31.65 9.47 -2.92
C ASP B 142 -30.47 8.72 -2.30
N PHE B 143 -29.59 9.43 -1.59
CA PHE B 143 -28.37 8.83 -1.05
C PHE B 143 -28.67 7.81 0.06
N LYS B 144 -29.91 7.81 0.60
CA LYS B 144 -30.27 6.82 1.60
C LYS B 144 -30.25 5.41 1.04
N GLN B 145 -30.89 5.22 -0.12
CA GLN B 145 -30.90 3.93 -0.82
C GLN B 145 -29.68 3.74 -1.71
N LEU B 146 -28.74 4.68 -1.71
CA LEU B 146 -27.49 4.55 -2.45
C LEU B 146 -26.37 3.97 -1.60
N TYR B 147 -26.40 4.22 -0.28
CA TYR B 147 -25.32 3.82 0.62
C TYR B 147 -25.21 2.30 0.79
N GLN B 148 -26.25 1.53 0.45
CA GLN B 148 -26.27 0.09 0.65
C GLN B 148 -26.14 -0.73 -0.63
N THR B 149 -26.62 -0.22 -1.77
CA THR B 149 -26.40 -0.82 -3.09
C THR B 149 -25.30 -0.09 -3.85
N LEU B 150 -24.18 0.20 -3.18
CA LEU B 150 -23.03 0.86 -3.80
C LEU B 150 -21.95 -0.18 -4.06
N THR B 151 -21.74 -0.53 -5.33
CA THR B 151 -20.75 -1.56 -5.60
C THR B 151 -19.37 -0.93 -5.72
N ASP B 152 -18.35 -1.76 -5.60
CA ASP B 152 -16.99 -1.27 -5.75
C ASP B 152 -16.76 -0.68 -7.12
N TYR B 153 -17.51 -1.13 -8.13
CA TYR B 153 -17.40 -0.50 -9.44
C TYR B 153 -18.11 0.84 -9.50
N ASP B 154 -19.23 1.00 -8.79
CA ASP B 154 -19.86 2.31 -8.73
C ASP B 154 -18.94 3.32 -8.06
N ILE B 155 -18.23 2.93 -7.00
CA ILE B 155 -17.35 3.89 -6.35
C ILE B 155 -16.26 4.33 -7.33
N ARG B 156 -15.66 3.38 -8.04
CA ARG B 156 -14.63 3.75 -9.01
C ARG B 156 -15.20 4.61 -10.12
N PHE B 157 -16.42 4.32 -10.59
CA PHE B 157 -16.99 5.06 -11.71
C PHE B 157 -17.23 6.52 -11.36
N TYR B 158 -17.93 6.78 -10.26
CA TYR B 158 -18.24 8.16 -9.92
C TYR B 158 -17.04 8.91 -9.40
N MET B 159 -16.11 8.23 -8.75
CA MET B 159 -14.83 8.88 -8.44
C MET B 159 -14.14 9.37 -9.70
N TYR B 160 -14.12 8.56 -10.78
CA TYR B 160 -13.56 9.03 -12.03
C TYR B 160 -14.28 10.27 -12.54
N GLU B 161 -15.61 10.30 -12.45
CA GLU B 161 -16.37 11.48 -12.90
C GLU B 161 -15.98 12.74 -12.10
N ILE B 162 -15.75 12.61 -10.80
CA ILE B 162 -15.34 13.77 -10.03
C ILE B 162 -13.99 14.27 -10.54
N LEU B 163 -13.06 13.34 -10.79
CA LEU B 163 -11.75 13.75 -11.28
C LEU B 163 -11.82 14.39 -12.67
N LYS B 164 -12.78 13.98 -13.50
CA LYS B 164 -12.98 14.69 -14.76
C LYS B 164 -13.32 16.17 -14.50
N ALA B 165 -14.16 16.43 -13.49
CA ALA B 165 -14.49 17.82 -13.20
C ALA B 165 -13.34 18.53 -12.50
N LEU B 166 -12.67 17.84 -11.59
CA LEU B 166 -11.56 18.47 -10.88
C LEU B 166 -10.39 18.74 -11.82
N ASP B 167 -10.06 17.79 -12.69
CA ASP B 167 -8.95 18.08 -13.59
C ASP B 167 -9.33 19.16 -14.60
N TYR B 168 -10.61 19.24 -14.99
CA TYR B 168 -11.02 20.32 -15.89
C TYR B 168 -10.81 21.68 -15.23
N CYS B 169 -11.47 21.92 -14.09
CA CYS B 169 -11.41 23.26 -13.52
C CYS B 169 -10.01 23.59 -13.05
N HIS B 170 -9.24 22.61 -12.62
CA HIS B 170 -7.84 22.90 -12.34
C HIS B 170 -7.12 23.38 -13.60
N SER B 171 -7.32 22.70 -14.73
CA SER B 171 -6.71 23.16 -15.98
C SER B 171 -7.19 24.54 -16.35
N MET B 172 -8.38 24.93 -15.89
CA MET B 172 -8.90 26.25 -16.12
C MET B 172 -8.48 27.24 -15.03
N GLY B 173 -7.39 26.96 -14.31
CA GLY B 173 -6.92 27.88 -13.31
C GLY B 173 -7.87 28.15 -12.16
N ILE B 174 -8.76 27.21 -11.87
CA ILE B 174 -9.74 27.36 -10.81
C ILE B 174 -9.59 26.21 -9.83
N MET B 175 -9.64 26.54 -8.53
CA MET B 175 -9.78 25.59 -7.45
C MET B 175 -11.19 25.68 -6.86
N HIS B 176 -11.75 24.52 -6.47
CA HIS B 176 -13.14 24.46 -6.00
C HIS B 176 -13.27 24.77 -4.51
N ARG B 177 -12.33 24.29 -3.69
CA ARG B 177 -12.19 24.63 -2.28
C ARG B 177 -13.36 24.16 -1.43
N ASP B 178 -14.31 23.41 -1.97
CA ASP B 178 -15.41 22.94 -1.13
C ASP B 178 -15.91 21.58 -1.63
N VAL B 179 -14.99 20.72 -2.03
CA VAL B 179 -15.34 19.35 -2.37
C VAL B 179 -15.85 18.65 -1.12
N LYS B 180 -17.05 18.10 -1.20
CA LYS B 180 -17.65 17.35 -0.10
C LYS B 180 -18.94 16.69 -0.62
N PRO B 181 -19.42 15.65 0.06
CA PRO B 181 -20.63 14.95 -0.45
C PRO B 181 -21.80 15.84 -0.86
N HIS B 182 -22.20 16.79 -0.03
CA HIS B 182 -23.37 17.60 -0.40
C HIS B 182 -23.16 18.30 -1.74
N ASN B 183 -21.90 18.56 -2.13
CA ASN B 183 -21.58 19.28 -3.35
C ASN B 183 -21.36 18.40 -4.57
N VAL B 184 -21.59 17.09 -4.47
CA VAL B 184 -21.53 16.19 -5.61
C VAL B 184 -22.93 15.59 -5.81
N MET B 185 -23.48 15.76 -7.01
CA MET B 185 -24.80 15.28 -7.34
C MET B 185 -24.68 14.07 -8.23
N ILE B 186 -25.46 13.04 -7.94
CA ILE B 186 -25.46 11.84 -8.76
C ILE B 186 -26.88 11.56 -9.21
N ASP B 187 -27.06 11.40 -10.52
CA ASP B 187 -28.28 10.89 -11.13
C ASP B 187 -27.99 9.44 -11.49
N HIS B 188 -28.34 8.51 -10.59
CA HIS B 188 -27.87 7.13 -10.79
C HIS B 188 -28.53 6.46 -11.97
N GLU B 189 -29.73 6.89 -12.37
CA GLU B 189 -30.39 6.23 -13.50
C GLU B 189 -29.60 6.44 -14.79
N HIS B 190 -29.15 7.66 -15.04
CA HIS B 190 -28.40 7.97 -16.24
C HIS B 190 -26.90 8.05 -16.01
N ARG B 191 -26.43 7.63 -14.84
CA ARG B 191 -25.00 7.62 -14.50
C ARG B 191 -24.32 8.97 -14.78
N LYS B 192 -25.01 10.03 -14.37
CA LYS B 192 -24.53 11.40 -14.53
C LYS B 192 -24.17 11.95 -13.17
N LEU B 193 -23.10 12.73 -13.13
CA LEU B 193 -22.61 13.38 -11.93
C LEU B 193 -22.37 14.86 -12.24
N ARG B 194 -22.59 15.71 -11.25
CA ARG B 194 -22.38 17.15 -11.41
C ARG B 194 -21.71 17.70 -10.16
N LEU B 195 -20.58 18.41 -10.31
CA LEU B 195 -19.98 19.08 -9.17
C LEU B 195 -20.62 20.46 -8.99
N ILE B 196 -21.10 20.75 -7.78
CA ILE B 196 -21.89 21.98 -7.59
C ILE B 196 -21.30 22.90 -6.51
N ASP B 197 -22.08 23.96 -6.19
CA ASP B 197 -21.70 25.06 -5.30
C ASP B 197 -20.31 25.61 -5.55
N TRP B 198 -20.22 26.65 -6.36
CA TRP B 198 -18.94 27.26 -6.65
C TRP B 198 -18.74 28.54 -5.88
N GLY B 199 -19.59 28.79 -4.89
CA GLY B 199 -19.50 29.97 -4.04
C GLY B 199 -18.15 30.15 -3.38
N LEU B 200 -17.43 29.07 -3.08
CA LEU B 200 -16.12 29.21 -2.48
C LEU B 200 -14.97 29.08 -3.46
N ALA B 201 -15.24 28.86 -4.75
CA ALA B 201 -14.14 28.60 -5.68
C ALA B 201 -13.35 29.88 -5.98
N GLU B 202 -12.06 29.70 -6.30
CA GLU B 202 -11.16 30.82 -6.51
C GLU B 202 -10.29 30.53 -7.70
N PHE B 203 -9.67 31.59 -8.23
CA PHE B 203 -8.65 31.47 -9.26
C PHE B 203 -7.29 31.22 -8.63
N TYR B 204 -6.51 30.32 -9.21
CA TYR B 204 -5.19 30.07 -8.69
C TYR B 204 -4.19 31.05 -9.29
N HIS B 205 -3.49 31.78 -8.41
CA HIS B 205 -2.46 32.73 -8.84
C HIS B 205 -1.20 32.40 -8.07
N PRO B 206 -0.10 32.05 -8.75
CA PRO B 206 1.09 31.58 -8.04
C PRO B 206 1.62 32.66 -7.10
N GLY B 207 1.90 32.26 -5.86
CA GLY B 207 2.36 33.16 -4.84
C GLY B 207 1.26 33.82 -4.03
N GLN B 208 -0.01 33.63 -4.42
CA GLN B 208 -1.12 34.22 -3.68
C GLN B 208 -1.36 33.49 -2.37
N GLU B 209 -1.76 34.24 -1.35
CA GLU B 209 -2.05 33.71 -0.03
C GLU B 209 -3.56 33.80 0.18
N TYR B 210 -4.19 32.64 0.42
CA TYR B 210 -5.63 32.55 0.40
C TYR B 210 -6.18 32.40 1.81
N ASN B 211 -7.46 32.74 1.97
CA ASN B 211 -8.16 32.55 3.23
C ASN B 211 -8.28 31.06 3.55
N VAL B 212 -7.86 30.65 4.74
CA VAL B 212 -7.90 29.24 5.11
C VAL B 212 -9.22 28.83 5.73
N ARG B 213 -10.14 29.77 5.91
CA ARG B 213 -11.44 29.48 6.51
C ARG B 213 -12.44 29.11 5.42
N VAL B 214 -12.17 28.00 4.74
CA VAL B 214 -13.04 27.49 3.69
C VAL B 214 -13.18 25.98 3.86
N ALA B 215 -14.12 25.42 3.08
CA ALA B 215 -14.44 24.01 3.05
C ALA B 215 -15.11 23.59 4.34
N SER B 216 -15.77 22.43 4.36
CA SER B 216 -16.35 21.92 5.58
C SER B 216 -15.28 21.24 6.44
N ARG B 217 -15.53 21.20 7.75
CA ARG B 217 -14.49 20.84 8.72
C ARG B 217 -13.90 19.46 8.44
N TYR B 218 -14.73 18.49 8.09
CA TYR B 218 -14.27 17.13 7.88
C TYR B 218 -13.47 16.95 6.61
N PHE B 219 -13.49 17.95 5.72
CA PHE B 219 -12.77 17.89 4.44
C PHE B 219 -11.71 18.97 4.31
N LYS B 220 -11.34 19.59 5.43
CA LYS B 220 -10.24 20.55 5.43
C LYS B 220 -8.91 19.82 5.31
N GLY B 221 -8.16 20.13 4.27
CA GLY B 221 -6.77 19.73 4.19
C GLY B 221 -5.96 20.24 5.38
N PRO B 222 -4.91 19.51 5.71
CA PRO B 222 -4.00 19.95 6.77
C PRO B 222 -3.51 21.37 6.60
N GLU B 223 -3.35 21.82 5.35
CA GLU B 223 -2.84 23.16 5.12
C GLU B 223 -3.78 24.22 5.69
N LEU B 224 -5.09 23.94 5.71
CA LEU B 224 -6.00 24.91 6.30
C LEU B 224 -5.97 24.86 7.82
N LEU B 225 -5.67 23.70 8.39
CA LEU B 225 -5.71 23.58 9.85
C LEU B 225 -4.51 24.25 10.48
N VAL B 226 -3.34 24.14 9.85
CA VAL B 226 -2.14 24.77 10.39
C VAL B 226 -1.99 26.18 9.84
N ASP B 227 -3.00 26.66 9.11
CA ASP B 227 -3.00 27.98 8.47
C ASP B 227 -1.77 28.14 7.60
N TYR B 228 -1.78 27.50 6.43
CA TYR B 228 -0.79 27.70 5.38
C TYR B 228 -1.50 28.32 4.18
N GLN B 229 -1.34 29.64 4.00
CA GLN B 229 -2.22 30.38 3.11
C GLN B 229 -1.87 30.24 1.62
N MET B 230 -0.68 29.77 1.28
CA MET B 230 -0.23 29.62 -0.11
C MET B 230 -0.59 28.25 -0.68
N TYR B 231 -1.86 27.84 -0.56
CA TYR B 231 -2.25 26.51 -1.00
C TYR B 231 -2.69 26.57 -2.47
N ASP B 232 -3.09 25.44 -3.03
CA ASP B 232 -3.38 25.41 -4.47
C ASP B 232 -4.38 24.29 -4.76
N TYR B 233 -4.48 23.88 -6.03
CA TYR B 233 -5.46 22.88 -6.43
C TYR B 233 -5.40 21.62 -5.58
N SER B 234 -4.22 21.27 -5.07
CA SER B 234 -4.07 20.05 -4.27
C SER B 234 -5.03 19.98 -3.08
N LEU B 235 -5.43 21.14 -2.55
CA LEU B 235 -6.47 21.19 -1.52
C LEU B 235 -7.72 20.40 -1.92
N ASP B 236 -8.15 20.51 -3.19
CA ASP B 236 -9.30 19.73 -3.65
C ASP B 236 -9.00 18.23 -3.61
N MET B 237 -7.74 17.85 -3.76
CA MET B 237 -7.42 16.43 -3.76
C MET B 237 -7.38 15.84 -2.36
N TRP B 238 -7.16 16.63 -1.33
CA TRP B 238 -7.33 16.10 0.00
C TRP B 238 -8.80 15.81 0.28
N SER B 239 -9.67 16.78 0.02
CA SER B 239 -11.10 16.58 0.24
C SER B 239 -11.57 15.29 -0.42
N LEU B 240 -11.16 15.07 -1.66
CA LEU B 240 -11.57 13.84 -2.35
C LEU B 240 -11.00 12.62 -1.68
N GLY B 241 -9.82 12.72 -1.07
CA GLY B 241 -9.35 11.63 -0.24
C GLY B 241 -10.33 11.31 0.89
N CYS B 242 -10.79 12.34 1.60
CA CYS B 242 -11.72 12.14 2.70
C CYS B 242 -13.01 11.45 2.25
N MET B 243 -13.47 11.77 1.03
CA MET B 243 -14.67 11.11 0.51
C MET B 243 -14.39 9.66 0.17
N LEU B 244 -13.29 9.39 -0.53
CA LEU B 244 -12.93 8.02 -0.85
C LEU B 244 -12.76 7.18 0.41
N ALA B 245 -12.01 7.70 1.38
CA ALA B 245 -11.88 7.01 2.66
C ALA B 245 -13.25 6.68 3.27
N SER B 246 -14.16 7.65 3.34
CA SER B 246 -15.41 7.42 4.06
C SER B 246 -16.32 6.46 3.30
N MET B 247 -16.24 6.44 1.97
CA MET B 247 -17.04 5.48 1.22
C MET B 247 -16.51 4.07 1.39
N ILE B 248 -15.22 3.85 1.09
CA ILE B 248 -14.73 2.47 1.08
C ILE B 248 -14.53 1.90 2.47
N PHE B 249 -14.68 2.70 3.52
CA PHE B 249 -14.59 2.17 4.88
C PHE B 249 -15.94 2.17 5.57
N ARG B 250 -16.99 2.65 4.90
CA ARG B 250 -18.33 2.75 5.49
C ARG B 250 -18.26 3.46 6.83
N LYS B 251 -17.49 4.55 6.86
CA LYS B 251 -17.25 5.34 8.06
C LYS B 251 -17.38 6.80 7.65
N GLU B 252 -18.40 7.48 8.12
CA GLU B 252 -18.73 8.81 7.61
C GLU B 252 -18.85 9.75 8.76
N PRO B 253 -17.97 10.77 8.91
CA PRO B 253 -16.84 11.11 8.06
C PRO B 253 -15.62 10.31 8.49
N PHE B 254 -14.60 10.22 7.66
CA PHE B 254 -13.45 9.43 8.07
C PHE B 254 -12.68 10.10 9.21
N PHE B 255 -12.50 11.42 9.16
CA PHE B 255 -11.82 12.20 10.20
C PHE B 255 -12.89 12.98 10.97
N HIS B 256 -13.26 12.49 12.14
CA HIS B 256 -14.46 12.98 12.83
C HIS B 256 -14.06 13.92 13.98
N GLY B 257 -13.57 15.10 13.60
CA GLY B 257 -13.03 16.03 14.59
C GLY B 257 -14.10 16.89 15.25
N HIS B 258 -13.79 17.36 16.46
CA HIS B 258 -14.76 18.17 17.22
C HIS B 258 -14.73 19.63 16.82
N ASP B 259 -13.54 20.22 16.69
CA ASP B 259 -13.36 21.57 16.17
C ASP B 259 -12.25 21.54 15.12
N ASN B 260 -11.66 22.70 14.83
CA ASN B 260 -10.61 22.75 13.82
C ASN B 260 -9.27 22.28 14.36
N TYR B 261 -9.00 22.54 15.64
CA TYR B 261 -7.80 22.00 16.24
C TYR B 261 -7.88 20.48 16.36
N ASP B 262 -9.05 19.95 16.77
CA ASP B 262 -9.20 18.52 16.93
C ASP B 262 -9.16 17.80 15.58
N GLN B 263 -9.64 18.44 14.52
CA GLN B 263 -9.58 17.82 13.20
C GLN B 263 -8.16 17.42 12.84
N LEU B 264 -7.19 18.29 13.16
CA LEU B 264 -5.80 17.92 12.92
C LEU B 264 -5.41 16.71 13.76
N VAL B 265 -5.94 16.62 14.99
CA VAL B 265 -5.67 15.47 15.84
C VAL B 265 -6.26 14.19 15.26
N ARG B 266 -7.50 14.24 14.78
CA ARG B 266 -8.07 13.06 14.12
C ARG B 266 -7.24 12.69 12.90
N ILE B 267 -6.68 13.68 12.21
CA ILE B 267 -5.82 13.38 11.06
C ILE B 267 -4.50 12.82 11.53
N ALA B 268 -3.90 13.47 12.53
CA ALA B 268 -2.60 13.02 13.01
C ALA B 268 -2.67 11.65 13.63
N LYS B 269 -3.83 11.22 14.13
CA LYS B 269 -3.93 9.88 14.70
C LYS B 269 -3.88 8.79 13.63
N VAL B 270 -4.14 9.13 12.37
CA VAL B 270 -4.06 8.19 11.25
C VAL B 270 -2.76 8.34 10.44
N LEU B 271 -2.49 9.55 9.94
CA LEU B 271 -1.25 9.73 9.17
C LEU B 271 0.01 9.74 10.05
N GLY B 272 -0.13 9.86 11.36
CA GLY B 272 1.01 9.92 12.25
C GLY B 272 1.49 11.35 12.47
N THR B 273 2.17 11.56 13.59
CA THR B 273 2.68 12.90 13.86
C THR B 273 4.04 13.17 13.21
N GLU B 274 4.80 12.13 12.91
CA GLU B 274 6.11 12.30 12.27
C GLU B 274 6.02 13.12 10.99
N ASP B 275 5.20 12.69 10.03
CA ASP B 275 5.14 13.44 8.77
C ASP B 275 4.55 14.83 9.00
N LEU B 276 3.72 14.98 10.03
CA LEU B 276 3.11 16.28 10.31
C LEU B 276 4.15 17.28 10.73
N TYR B 277 5.03 16.91 11.66
CA TYR B 277 6.07 17.85 12.03
C TYR B 277 7.08 18.04 10.91
N ASP B 278 7.33 17.02 10.09
CA ASP B 278 8.18 17.22 8.92
C ASP B 278 7.55 18.23 7.97
N TYR B 279 6.22 18.15 7.81
CA TYR B 279 5.49 19.13 7.02
C TYR B 279 5.66 20.54 7.59
N ILE B 280 5.54 20.68 8.90
CA ILE B 280 5.69 21.98 9.52
C ILE B 280 7.11 22.51 9.35
N ASP B 281 8.12 21.66 9.57
CA ASP B 281 9.50 22.12 9.36
C ASP B 281 9.76 22.49 7.90
N LYS B 282 9.28 21.68 6.94
CA LYS B 282 9.65 21.92 5.55
C LYS B 282 9.12 23.25 5.04
N TYR B 283 7.96 23.69 5.51
CA TYR B 283 7.42 24.97 5.09
C TYR B 283 7.61 26.07 6.12
N ASN B 284 8.43 25.81 7.14
CA ASN B 284 8.66 26.73 8.26
C ASN B 284 7.35 27.35 8.76
N ILE B 285 6.36 26.48 8.96
CA ILE B 285 5.08 26.94 9.51
C ILE B 285 5.25 27.27 10.99
N GLU B 286 4.60 28.35 11.40
CA GLU B 286 4.39 28.63 12.81
C GLU B 286 3.07 28.00 13.22
N LEU B 287 3.16 27.09 14.18
CA LEU B 287 2.03 26.30 14.65
C LEU B 287 1.48 26.93 15.92
N ASP B 288 0.16 26.82 16.09
CA ASP B 288 -0.51 27.46 17.22
C ASP B 288 -0.05 26.84 18.54
N PRO B 289 0.19 27.63 19.59
CA PRO B 289 0.65 27.07 20.87
C PRO B 289 -0.20 25.92 21.39
N ARG B 290 -1.48 25.86 21.03
CA ARG B 290 -2.35 24.76 21.45
C ARG B 290 -2.27 23.61 20.45
N PHE B 291 -1.07 23.08 20.34
CA PHE B 291 -0.86 21.89 19.52
C PHE B 291 0.24 21.07 20.16
N ASN B 292 1.24 21.75 20.77
CA ASN B 292 2.24 21.04 21.58
C ASN B 292 1.63 20.41 22.82
N ASP B 293 0.30 20.51 22.92
CA ASP B 293 -0.43 20.03 24.08
C ASP B 293 -1.63 19.16 23.72
N ILE B 294 -1.89 18.92 22.44
CA ILE B 294 -3.04 18.10 22.07
C ILE B 294 -2.63 17.03 21.05
N LEU B 295 -1.66 17.37 20.19
CA LEU B 295 -1.25 16.46 19.13
C LEU B 295 -0.49 15.25 19.69
N GLY B 296 0.65 15.49 20.34
CA GLY B 296 1.40 14.40 20.96
C GLY B 296 2.30 13.63 20.02
N ARG B 297 2.41 12.31 20.24
CA ARG B 297 3.17 11.40 19.38
C ARG B 297 2.25 10.27 18.92
N HIS B 298 2.15 10.09 17.61
CA HIS B 298 1.33 9.03 17.02
C HIS B 298 2.01 8.44 15.80
N SER B 299 2.01 7.12 15.72
CA SER B 299 2.52 6.43 14.55
C SER B 299 1.56 6.55 13.38
N ARG B 300 2.11 6.48 12.18
CA ARG B 300 1.29 6.30 10.99
C ARG B 300 0.67 4.90 10.96
N LYS B 301 -0.65 4.83 10.87
CA LYS B 301 -1.34 3.55 10.90
C LYS B 301 -1.42 2.93 9.50
N ARG B 302 -1.46 1.59 9.47
CA ARG B 302 -1.72 0.86 8.24
C ARG B 302 -3.22 0.85 7.97
N TRP B 303 -3.58 0.96 6.70
CA TRP B 303 -4.98 1.06 6.36
C TRP B 303 -5.78 -0.19 6.75
N GLU B 304 -5.11 -1.34 6.90
CA GLU B 304 -5.81 -2.55 7.33
C GLU B 304 -6.53 -2.38 8.67
N ARG B 305 -6.12 -1.38 9.46
CA ARG B 305 -6.77 -1.13 10.74
C ARG B 305 -8.24 -0.74 10.57
N PHE B 306 -8.62 -0.21 9.41
CA PHE B 306 -9.98 0.26 9.19
C PHE B 306 -10.84 -0.69 8.37
N VAL B 307 -10.25 -1.67 7.75
CA VAL B 307 -11.03 -2.63 6.96
C VAL B 307 -11.58 -3.67 7.92
N HIS B 308 -12.80 -4.14 7.65
CA HIS B 308 -13.45 -5.13 8.51
C HIS B 308 -14.46 -5.92 7.68
N SER B 309 -15.43 -6.57 8.34
CA SER B 309 -16.29 -7.52 7.64
C SER B 309 -17.27 -6.80 6.71
N GLU B 310 -17.82 -5.68 7.17
CA GLU B 310 -18.89 -5.01 6.42
C GLU B 310 -18.36 -4.16 5.25
N ASN B 311 -17.09 -3.76 5.25
CA ASN B 311 -16.54 -2.93 4.17
C ASN B 311 -15.50 -3.63 3.32
N GLN B 312 -15.29 -4.94 3.48
CA GLN B 312 -14.19 -5.58 2.78
C GLN B 312 -14.43 -5.65 1.28
N HIS B 313 -15.70 -5.62 0.83
CA HIS B 313 -15.98 -5.78 -0.59
C HIS B 313 -15.62 -4.53 -1.39
N LEU B 314 -15.40 -3.39 -0.73
CA LEU B 314 -14.98 -2.16 -1.36
C LEU B 314 -13.48 -1.91 -1.29
N VAL B 315 -12.84 -2.51 -0.31
CA VAL B 315 -11.41 -2.42 -0.11
C VAL B 315 -10.67 -3.35 -1.05
N SER B 316 -9.46 -2.96 -1.45
CA SER B 316 -8.59 -3.69 -2.36
C SER B 316 -7.23 -3.01 -2.39
N PRO B 317 -6.13 -3.74 -2.67
CA PRO B 317 -4.80 -3.11 -2.65
C PRO B 317 -4.69 -1.86 -3.53
N GLU B 318 -5.38 -1.85 -4.68
CA GLU B 318 -5.44 -0.66 -5.53
C GLU B 318 -6.09 0.51 -4.80
N ALA B 319 -7.29 0.31 -4.26
CA ALA B 319 -7.96 1.39 -3.54
C ALA B 319 -7.10 1.93 -2.41
N LEU B 320 -6.43 1.04 -1.67
CA LEU B 320 -5.61 1.56 -0.58
C LEU B 320 -4.46 2.37 -1.13
N ASP B 321 -3.85 1.91 -2.22
CA ASP B 321 -2.74 2.65 -2.82
C ASP B 321 -3.21 3.99 -3.32
N PHE B 322 -4.37 4.03 -3.98
CA PHE B 322 -4.88 5.32 -4.44
C PHE B 322 -5.22 6.24 -3.26
N LEU B 323 -5.84 5.69 -2.22
CA LEU B 323 -6.18 6.46 -1.03
C LEU B 323 -4.94 7.02 -0.35
N ASP B 324 -3.91 6.17 -0.16
CA ASP B 324 -2.68 6.63 0.48
C ASP B 324 -1.99 7.73 -0.31
N LYS B 325 -2.10 7.71 -1.64
CA LYS B 325 -1.47 8.76 -2.43
C LYS B 325 -2.31 10.03 -2.52
N LEU B 326 -3.53 10.02 -1.99
CA LEU B 326 -4.32 11.23 -1.82
C LEU B 326 -4.13 11.88 -0.44
N LEU B 327 -4.14 11.10 0.63
CA LEU B 327 -4.11 11.66 1.99
C LEU B 327 -2.67 11.86 2.42
N ARG B 328 -2.10 13.03 2.07
CA ARG B 328 -0.77 13.44 2.51
C ARG B 328 -0.82 14.85 3.09
N TYR B 329 -0.11 15.07 4.20
CA TYR B 329 0.04 16.42 4.73
C TYR B 329 0.60 17.36 3.68
N ASP B 330 1.76 17.01 3.13
CA ASP B 330 2.45 17.82 2.14
C ASP B 330 1.60 17.90 0.89
N HIS B 331 0.99 19.07 0.65
CA HIS B 331 0.10 19.25 -0.50
C HIS B 331 0.84 19.04 -1.82
N GLN B 332 2.16 19.23 -1.85
CA GLN B 332 2.87 19.02 -3.10
C GLN B 332 2.94 17.55 -3.48
N SER B 333 2.97 16.64 -2.51
CA SER B 333 3.13 15.24 -2.87
C SER B 333 1.80 14.52 -3.05
N ARG B 334 0.67 15.22 -2.99
CA ARG B 334 -0.57 14.55 -3.35
C ARG B 334 -0.64 14.36 -4.87
N LEU B 335 -1.43 13.38 -5.29
CA LEU B 335 -1.67 13.20 -6.71
C LEU B 335 -2.38 14.41 -7.26
N THR B 336 -2.07 14.76 -8.51
CA THR B 336 -2.97 15.63 -9.26
C THR B 336 -4.23 14.87 -9.71
N ALA B 337 -5.25 15.63 -10.10
CA ALA B 337 -6.40 14.98 -10.71
C ALA B 337 -5.96 14.13 -11.90
N ARG B 338 -5.11 14.68 -12.77
CA ARG B 338 -4.68 13.93 -13.96
C ARG B 338 -3.87 12.68 -13.58
N GLU B 339 -3.05 12.76 -12.53
CA GLU B 339 -2.36 11.56 -12.07
C GLU B 339 -3.36 10.54 -11.54
N ALA B 340 -4.33 10.99 -10.74
CA ALA B 340 -5.31 10.09 -10.13
C ALA B 340 -6.03 9.27 -11.20
N MET B 341 -6.45 9.92 -12.28
CA MET B 341 -7.17 9.23 -13.34
C MET B 341 -6.33 8.13 -13.97
N GLU B 342 -5.01 8.28 -13.98
CA GLU B 342 -4.15 7.30 -14.59
C GLU B 342 -3.75 6.21 -13.61
N HIS B 343 -4.35 6.21 -12.39
CA HIS B 343 -4.05 5.22 -11.36
C HIS B 343 -4.78 3.90 -11.66
N PRO B 344 -4.13 2.76 -11.39
CA PRO B 344 -4.74 1.46 -11.70
C PRO B 344 -6.12 1.26 -11.13
N TYR B 345 -6.45 1.95 -10.03
CA TYR B 345 -7.79 1.86 -9.47
C TYR B 345 -8.88 2.12 -10.51
N PHE B 346 -8.58 2.86 -11.57
CA PHE B 346 -9.57 3.23 -12.58
C PHE B 346 -9.42 2.44 -13.89
N TYR B 347 -8.59 1.40 -13.92
CA TYR B 347 -8.32 0.70 -15.18
C TYR B 347 -9.60 0.12 -15.78
N THR B 348 -10.44 -0.51 -14.96
CA THR B 348 -11.67 -1.09 -15.46
C THR B 348 -12.60 -0.02 -16.03
N VAL B 349 -12.75 1.10 -15.32
CA VAL B 349 -13.73 2.09 -15.78
C VAL B 349 -13.24 2.79 -17.04
N VAL B 350 -11.93 3.01 -17.18
CA VAL B 350 -11.40 3.57 -18.42
C VAL B 350 -11.66 2.62 -19.58
N LYS B 351 -11.55 1.31 -19.34
CA LYS B 351 -11.76 0.34 -20.41
C LYS B 351 -13.22 0.30 -20.87
N ASP B 352 -14.17 0.46 -19.95
CA ASP B 352 -15.57 0.35 -20.34
C ASP B 352 -16.05 1.59 -21.07
N GLN B 353 -15.41 2.73 -20.83
CA GLN B 353 -15.63 3.92 -21.68
C GLN B 353 -14.93 3.84 -23.05
N ALA B 354 -14.40 2.70 -23.48
CA ALA B 354 -13.80 2.59 -24.80
C ALA B 354 -14.49 1.46 -25.58
S SO4 C . 26.07 -15.01 12.36
O1 SO4 C . 25.82 -14.50 13.71
O2 SO4 C . 24.84 -15.52 11.77
O3 SO4 C . 27.05 -16.09 12.45
O4 SO4 C . 26.57 -13.96 11.49
C13 A1I9O D . 21.68 -28.92 -7.09
C17 A1I9O D . 22.60 -27.85 -9.07
C20 A1I9O D . 23.80 -23.49 -7.49
C21 A1I9O D . 23.26 -22.26 -6.78
C22 A1I9O D . 21.74 -22.02 -6.94
C24 A1I9O D . 20.51 -19.80 -7.25
C26 A1I9O D . 19.06 -17.99 -8.19
C28 A1I9O D . 16.91 -17.23 -9.37
C02 A1I9O D . 21.36 -28.96 -1.32
C04 A1I9O D . 21.43 -28.97 -2.83
C05 A1I9O D . 20.73 -29.91 -3.56
C06 A1I9O D . 20.78 -29.95 -4.93
C07 A1I9O D . 21.56 -29.00 -5.64
C08 A1I9O D . 22.26 -28.05 -4.90
C09 A1I9O D . 22.18 -28.05 -3.51
C11 A1I9O D . 23.13 -27.00 -6.79
C12 A1I9O D . 22.45 -27.95 -7.65
C14 A1I9O D . 21.03 -29.81 -7.98
C16 A1I9O D . 21.91 -28.78 -9.85
C19 A1I9O D . 24.13 -24.68 -6.62
C23 A1I9O D . 21.34 -20.89 -7.85
C27 A1I9O D . 17.64 -17.48 -8.22
C29 A1I9O D . 15.58 -16.72 -9.35
C30 A1I9O D . 14.85 -16.46 -8.16
C31 A1I9O D . 15.65 -16.73 -7.04
C32 A1I9O D . 16.97 -17.21 -7.05
C34 A1I9O D . 13.43 -15.93 -8.20
C35 A1I9O D . 12.61 -15.74 -7.07
C36 A1I9O D . 11.30 -15.26 -7.09
C37 A1I9O D . 10.73 -14.95 -8.30
C38 A1I9O D . 11.50 -15.14 -9.45
C39 A1I9O D . 12.81 -15.62 -9.40
N10 A1I9O D . 23.03 -27.06 -5.46
N15 A1I9O D . 21.14 -29.75 -9.31
N18 A1I9O D . 23.92 -25.97 -7.34
N25 A1I9O D . 19.26 -19.44 -7.96
O01 A1I9O D . 20.32 -29.42 -0.76
O03 A1I9O D . 22.37 -28.44 -0.76
CL33 A1I9O D . 14.99 -16.46 -5.46
S SO4 E . 21.56 -24.92 14.76
O1 SO4 E . 21.97 -23.55 14.98
O2 SO4 E . 21.96 -25.29 13.40
O3 SO4 E . 22.18 -25.77 15.75
O4 SO4 E . 20.12 -24.99 14.94
S SO4 F . 14.12 9.45 9.07
O1 SO4 F . 14.30 10.91 9.24
O2 SO4 F . 14.68 9.02 7.78
O3 SO4 F . 14.84 8.75 10.11
O4 SO4 F . 12.68 9.15 9.09
S SO4 G . 27.41 -42.74 11.67
O1 SO4 G . 27.57 -41.28 11.67
O2 SO4 G . 28.01 -43.29 10.45
O3 SO4 G . 28.09 -43.30 12.85
O4 SO4 G . 25.98 -43.05 11.73
S SO4 H . -14.41 27.54 9.92
O1 SO4 H . -13.01 27.97 10.15
O2 SO4 H . -14.58 27.16 8.52
O3 SO4 H . -15.30 28.66 10.22
O4 SO4 H . -14.74 26.40 10.79
C13 A1I9O I . -29.10 21.50 -7.78
C17 A1I9O I . -30.70 19.89 -6.89
C20 A1I9O I . -28.72 19.46 -2.34
C21 A1I9O I . -28.03 18.21 -1.82
C22 A1I9O I . -27.44 17.23 -2.87
C24 A1I9O I . -25.61 15.35 -2.79
C26 A1I9O I . -24.60 13.19 -2.03
C28 A1I9O I . -23.98 11.13 -3.46
C02 A1I9O I . -24.95 25.45 -6.55
C04 A1I9O I . -26.05 24.40 -6.90
C05 A1I9O I . -26.41 24.16 -8.23
C06 A1I9O I . -27.40 23.23 -8.56
C07 A1I9O I . -28.07 22.50 -7.54
C08 A1I9O I . -27.71 22.73 -6.21
C09 A1I9O I . -26.70 23.69 -5.92
C11 A1I9O I . -29.24 21.16 -5.36
C12 A1I9O I . -29.68 20.84 -6.69
C14 A1I9O I . -29.57 21.13 -9.07
C16 A1I9O I . -31.09 19.59 -8.20
C19 A1I9O I . -29.31 19.29 -3.71
C23 A1I9O I . -26.90 15.93 -2.27
C27 A1I9O I . -23.63 12.20 -2.64
C29 A1I9O I . -23.04 10.23 -4.00
C30 A1I9O I . -21.65 10.31 -3.76
C31 A1I9O I . -21.33 11.38 -2.93
C32 A1I9O I . -22.27 12.28 -2.40
C34 A1I9O I . -20.59 9.37 -4.30
C35 A1I9O I . -20.58 8.01 -4.02
C36 A1I9O I . -19.58 7.16 -4.50
C37 A1I9O I . -18.55 7.64 -5.28
C38 A1I9O I . -18.53 8.99 -5.55
C39 A1I9O I . -19.53 9.84 -5.08
N10 A1I9O I . -28.30 22.07 -5.12
N15 A1I9O I . -30.53 20.21 -9.29
N18 A1I9O I . -29.82 20.50 -4.28
N25 A1I9O I . -25.54 13.88 -2.94
O01 A1I9O I . -24.15 25.86 -7.45
O03 A1I9O I . -24.94 25.76 -5.33
CL33 A1I9O I . -19.63 11.59 -2.57
S SO4 J . -24.80 45.36 -9.48
O1 SO4 J . -24.72 46.80 -9.29
O2 SO4 J . -24.15 44.96 -10.72
O3 SO4 J . -24.14 44.67 -8.37
O4 SO4 J . -26.22 45.00 -9.52
S SO4 K . -1.08 6.00 19.13
O1 SO4 K . -0.97 7.38 19.65
O2 SO4 K . -0.23 5.84 17.94
O3 SO4 K . -0.63 5.05 20.16
O4 SO4 K . -2.49 5.74 18.81
#